data_2DID
#
_entry.id   2DID
#
loop_
_entity.id
_entity.type
_entity.pdbx_description
1 polymer 'Tripartite motif protein 39'
2 non-polymer 'ZINC ION'
#
_entity_poly.entity_id   1
_entity_poly.type   'polypeptide(L)'
_entity_poly.pdbx_seq_one_letter_code
;GSSGSSGESLCPQHHEALSLFCYEDQEAVCLICAISHTHRAHTVVPLSGPSSG
;
_entity_poly.pdbx_strand_id   A
#
loop_
_chem_comp.id
_chem_comp.type
_chem_comp.name
_chem_comp.formula
ZN non-polymer 'ZINC ION' 'Zn 2'
#
# COMPACT_ATOMS: atom_id res chain seq x y z
N GLY A 1 5.22 -15.37 -19.97
CA GLY A 1 4.42 -14.26 -20.45
C GLY A 1 4.94 -12.92 -19.96
N SER A 2 4.22 -11.85 -20.27
CA SER A 2 4.61 -10.51 -19.86
C SER A 2 4.94 -10.47 -18.38
N SER A 3 3.99 -10.90 -17.55
CA SER A 3 4.18 -10.91 -16.10
C SER A 3 4.60 -12.30 -15.62
N GLY A 4 5.23 -12.35 -14.45
CA GLY A 4 5.66 -13.62 -13.90
C GLY A 4 4.78 -14.08 -12.76
N SER A 5 4.83 -13.37 -11.64
CA SER A 5 4.04 -13.72 -10.46
C SER A 5 3.10 -12.58 -10.09
N SER A 6 1.90 -12.61 -10.68
CA SER A 6 0.90 -11.58 -10.42
C SER A 6 0.21 -11.82 -9.08
N GLY A 7 0.85 -11.38 -8.00
CA GLY A 7 0.29 -11.54 -6.67
C GLY A 7 0.06 -10.23 -5.97
N GLU A 8 1.14 -9.51 -5.70
CA GLU A 8 1.05 -8.22 -5.01
C GLU A 8 2.17 -7.29 -5.46
N SER A 9 1.91 -5.98 -5.38
CA SER A 9 2.90 -4.98 -5.79
C SER A 9 3.90 -4.73 -4.66
N LEU A 10 4.78 -3.76 -4.88
CA LEU A 10 5.79 -3.41 -3.88
C LEU A 10 6.13 -1.93 -3.95
N CYS A 11 6.03 -1.26 -2.81
CA CYS A 11 6.34 0.17 -2.73
C CYS A 11 7.58 0.51 -3.55
N PRO A 12 7.49 1.58 -4.34
CA PRO A 12 8.60 2.04 -5.19
C PRO A 12 9.76 2.62 -4.37
N GLN A 13 9.57 2.68 -3.06
CA GLN A 13 10.59 3.21 -2.16
C GLN A 13 10.91 2.21 -1.05
N HIS A 14 9.88 1.53 -0.57
CA HIS A 14 10.05 0.55 0.50
C HIS A 14 10.11 -0.87 -0.07
N HIS A 15 9.56 -1.03 -1.28
CA HIS A 15 9.54 -2.34 -1.93
C HIS A 15 8.87 -3.38 -1.04
N GLU A 16 7.80 -2.98 -0.38
CA GLU A 16 7.06 -3.88 0.51
C GLU A 16 5.66 -4.15 -0.02
N ALA A 17 5.17 -5.35 0.21
CA ALA A 17 3.83 -5.74 -0.25
C ALA A 17 2.82 -4.62 0.01
N LEU A 18 2.32 -4.02 -1.06
CA LEU A 18 1.35 -2.95 -0.95
C LEU A 18 -0.05 -3.51 -0.66
N SER A 19 -0.54 -3.27 0.55
CA SER A 19 -1.86 -3.74 0.95
C SER A 19 -2.73 -2.58 1.43
N LEU A 20 -2.09 -1.49 1.81
CA LEU A 20 -2.81 -0.31 2.28
C LEU A 20 -2.95 0.73 1.17
N PHE A 21 -3.76 1.76 1.43
CA PHE A 21 -3.98 2.82 0.45
C PHE A 21 -4.43 4.10 1.15
N CYS A 22 -3.69 5.18 0.92
CA CYS A 22 -4.01 6.47 1.51
C CYS A 22 -5.24 7.08 0.87
N TYR A 23 -6.01 7.83 1.65
CA TYR A 23 -7.22 8.47 1.16
C TYR A 23 -6.92 9.84 0.58
N GLU A 24 -6.38 10.73 1.41
CA GLU A 24 -6.04 12.07 0.98
C GLU A 24 -5.22 12.05 -0.30
N ASP A 25 -4.03 11.48 -0.23
CA ASP A 25 -3.14 11.39 -1.39
C ASP A 25 -3.83 10.63 -2.53
N GLN A 26 -4.76 9.75 -2.17
CA GLN A 26 -5.47 8.97 -3.17
C GLN A 26 -4.53 8.05 -3.93
N GLU A 27 -3.62 7.41 -3.20
CA GLU A 27 -2.65 6.50 -3.80
C GLU A 27 -2.41 5.28 -2.90
N ALA A 28 -1.67 4.31 -3.42
CA ALA A 28 -1.36 3.11 -2.67
C ALA A 28 -0.11 3.29 -1.82
N VAL A 29 -0.09 2.64 -0.66
CA VAL A 29 1.05 2.73 0.24
C VAL A 29 1.39 1.36 0.83
N CYS A 30 2.41 1.34 1.69
CA CYS A 30 2.83 0.11 2.32
C CYS A 30 2.82 0.23 3.85
N LEU A 31 3.13 -0.86 4.53
CA LEU A 31 3.14 -0.87 5.99
C LEU A 31 3.97 0.30 6.53
N ILE A 32 5.16 0.50 5.97
CA ILE A 32 6.04 1.58 6.40
C ILE A 32 5.36 2.93 6.22
N CYS A 33 5.11 3.32 4.97
CA CYS A 33 4.47 4.59 4.69
C CYS A 33 3.41 4.92 5.73
N ALA A 34 2.47 3.99 5.94
CA ALA A 34 1.42 4.18 6.92
C ALA A 34 1.94 4.84 8.19
N ILE A 35 3.05 4.32 8.70
CA ILE A 35 3.66 4.86 9.91
C ILE A 35 4.89 5.70 9.59
N SER A 36 4.79 6.48 8.52
CA SER A 36 5.89 7.34 8.10
C SER A 36 5.51 8.81 8.17
N HIS A 37 6.50 9.69 8.16
CA HIS A 37 6.27 11.12 8.22
C HIS A 37 5.37 11.58 7.07
N THR A 38 5.57 10.97 5.91
CA THR A 38 4.79 11.32 4.73
C THR A 38 3.29 11.16 4.99
N HIS A 39 2.87 9.95 5.28
CA HIS A 39 1.47 9.66 5.56
C HIS A 39 1.27 9.30 7.03
N ARG A 40 1.90 10.07 7.91
CA ARG A 40 1.79 9.84 9.35
C ARG A 40 0.37 10.14 9.83
N ALA A 41 -0.06 11.37 9.65
CA ALA A 41 -1.39 11.79 10.06
C ALA A 41 -2.37 11.77 8.90
N HIS A 42 -2.29 10.74 8.07
CA HIS A 42 -3.16 10.59 6.91
C HIS A 42 -4.16 9.46 7.12
N THR A 43 -5.27 9.52 6.39
CA THR A 43 -6.31 8.50 6.50
C THR A 43 -6.02 7.33 5.57
N VAL A 44 -5.34 6.32 6.10
CA VAL A 44 -5.01 5.13 5.32
C VAL A 44 -6.07 4.04 5.47
N VAL A 45 -6.43 3.41 4.37
CA VAL A 45 -7.43 2.35 4.38
C VAL A 45 -6.90 1.07 3.74
N PRO A 46 -7.31 -0.08 4.28
CA PRO A 46 -6.89 -1.39 3.78
C PRO A 46 -7.49 -1.70 2.42
N LEU A 47 -6.69 -2.36 1.57
CA LEU A 47 -7.15 -2.72 0.23
C LEU A 47 -7.60 -4.18 0.19
N SER A 48 -8.12 -4.67 1.31
CA SER A 48 -8.59 -6.04 1.40
C SER A 48 -10.12 -6.09 1.48
N GLY A 49 -10.68 -7.24 1.12
CA GLY A 49 -12.13 -7.40 1.17
C GLY A 49 -12.55 -8.69 1.83
N PRO A 50 -13.73 -8.68 2.45
CA PRO A 50 -14.28 -9.86 3.13
C PRO A 50 -14.68 -10.96 2.17
N SER A 51 -14.60 -10.66 0.88
CA SER A 51 -14.96 -11.63 -0.16
C SER A 51 -13.93 -12.74 -0.24
N SER A 52 -12.73 -12.41 -0.70
CA SER A 52 -11.66 -13.38 -0.83
C SER A 52 -11.46 -14.15 0.47
N GLY A 53 -10.94 -13.47 1.48
CA GLY A 53 -10.71 -14.10 2.77
C GLY A 53 -11.40 -13.38 3.90
ZN ZN B . 6.07 2.66 1.40
ZN ZN C . -1.15 10.18 2.59
N GLY A 1 4.55 -21.41 -11.77
CA GLY A 1 4.98 -20.06 -11.47
C GLY A 1 4.48 -19.05 -12.49
N SER A 2 5.09 -17.87 -12.50
CA SER A 2 4.69 -16.82 -13.43
C SER A 2 3.19 -16.58 -13.37
N SER A 3 2.63 -16.59 -12.16
CA SER A 3 1.19 -16.38 -11.98
C SER A 3 0.93 -15.17 -11.09
N GLY A 4 -0.33 -14.76 -11.03
CA GLY A 4 -0.69 -13.61 -10.22
C GLY A 4 0.35 -12.51 -10.26
N SER A 5 0.27 -11.66 -11.27
CA SER A 5 1.21 -10.55 -11.42
C SER A 5 0.60 -9.24 -10.98
N SER A 6 -0.62 -8.97 -11.47
CA SER A 6 -1.32 -7.74 -11.13
C SER A 6 -1.12 -7.38 -9.66
N GLY A 7 -1.23 -8.39 -8.80
CA GLY A 7 -1.06 -8.16 -7.37
C GLY A 7 0.39 -7.99 -6.98
N GLU A 8 0.80 -8.69 -5.92
CA GLU A 8 2.17 -8.60 -5.44
C GLU A 8 2.72 -7.18 -5.58
N SER A 9 1.89 -6.20 -5.22
CA SER A 9 2.28 -4.80 -5.32
C SER A 9 3.43 -4.50 -4.36
N LEU A 10 4.21 -3.48 -4.69
CA LEU A 10 5.34 -3.07 -3.86
C LEU A 10 5.59 -1.58 -3.95
N CYS A 11 5.97 -0.97 -2.84
CA CYS A 11 6.24 0.47 -2.80
C CYS A 11 7.48 0.80 -3.60
N PRO A 12 7.39 1.86 -4.44
CA PRO A 12 8.50 2.31 -5.27
C PRO A 12 9.63 2.93 -4.46
N GLN A 13 9.43 3.02 -3.15
CA GLN A 13 10.43 3.58 -2.26
C GLN A 13 10.85 2.57 -1.19
N HIS A 14 9.87 1.82 -0.70
CA HIS A 14 10.13 0.81 0.33
C HIS A 14 10.19 -0.58 -0.27
N HIS A 15 9.51 -0.77 -1.39
CA HIS A 15 9.48 -2.06 -2.08
C HIS A 15 8.85 -3.12 -1.19
N GLU A 16 7.93 -2.70 -0.32
CA GLU A 16 7.25 -3.62 0.59
C GLU A 16 5.82 -3.90 0.11
N ALA A 17 5.34 -5.10 0.40
CA ALA A 17 3.99 -5.49 0.01
C ALA A 17 2.99 -4.37 0.28
N LEU A 18 2.34 -3.89 -0.78
CA LEU A 18 1.36 -2.82 -0.64
C LEU A 18 0.00 -3.37 -0.23
N SER A 19 -0.36 -3.15 1.03
CA SER A 19 -1.64 -3.63 1.55
C SER A 19 -2.41 -2.49 2.21
N LEU A 20 -2.18 -1.27 1.73
CA LEU A 20 -2.86 -0.09 2.29
C LEU A 20 -3.07 0.96 1.20
N PHE A 21 -4.05 1.84 1.43
CA PHE A 21 -4.37 2.90 0.47
C PHE A 21 -4.62 4.21 1.19
N CYS A 22 -3.91 5.26 0.77
CA CYS A 22 -4.05 6.58 1.37
C CYS A 22 -5.04 7.42 0.57
N TYR A 23 -6.05 7.96 1.27
CA TYR A 23 -7.06 8.79 0.62
C TYR A 23 -6.48 10.14 0.23
N GLU A 24 -6.08 10.92 1.23
CA GLU A 24 -5.51 12.24 1.00
C GLU A 24 -4.66 12.25 -0.27
N ASP A 25 -3.64 11.41 -0.29
CA ASP A 25 -2.75 11.32 -1.45
C ASP A 25 -3.46 10.66 -2.64
N GLN A 26 -4.36 9.74 -2.33
CA GLN A 26 -5.12 9.04 -3.37
C GLN A 26 -4.22 8.08 -4.14
N GLU A 27 -3.47 7.26 -3.40
CA GLU A 27 -2.56 6.31 -4.01
C GLU A 27 -2.25 5.16 -3.05
N ALA A 28 -1.94 3.99 -3.62
CA ALA A 28 -1.63 2.82 -2.81
C ALA A 28 -0.30 2.98 -2.10
N VAL A 29 -0.24 2.54 -0.84
CA VAL A 29 0.97 2.65 -0.04
C VAL A 29 1.31 1.32 0.61
N CYS A 30 2.38 1.30 1.41
CA CYS A 30 2.80 0.09 2.10
C CYS A 30 2.61 0.23 3.61
N LEU A 31 2.73 -0.89 4.32
CA LEU A 31 2.57 -0.90 5.76
C LEU A 31 3.52 0.09 6.42
N ILE A 32 4.73 0.21 5.87
CA ILE A 32 5.72 1.13 6.40
C ILE A 32 5.32 2.58 6.17
N CYS A 33 4.61 2.82 5.07
CA CYS A 33 4.15 4.16 4.73
C CYS A 33 3.17 4.67 5.77
N ALA A 34 2.11 3.91 6.01
CA ALA A 34 1.10 4.29 6.98
C ALA A 34 1.72 4.66 8.32
N ILE A 35 2.65 3.83 8.78
CA ILE A 35 3.33 4.07 10.04
C ILE A 35 4.59 4.89 9.85
N SER A 36 4.50 5.87 8.95
CA SER A 36 5.65 6.74 8.65
C SER A 36 5.25 8.21 8.80
N HIS A 37 6.15 8.99 9.40
CA HIS A 37 5.90 10.42 9.59
C HIS A 37 5.18 11.02 8.39
N THR A 38 5.62 10.62 7.19
CA THR A 38 5.02 11.13 5.96
C THR A 38 3.51 10.94 5.97
N HIS A 39 3.08 9.69 5.96
CA HIS A 39 1.66 9.37 5.96
C HIS A 39 1.16 9.09 7.38
N ARG A 40 1.60 9.92 8.33
CA ARG A 40 1.20 9.77 9.72
C ARG A 40 -0.18 10.37 9.95
N ALA A 41 -0.32 11.66 9.68
CA ALA A 41 -1.59 12.34 9.87
C ALA A 41 -2.46 12.23 8.63
N HIS A 42 -2.46 11.06 8.01
CA HIS A 42 -3.25 10.81 6.81
C HIS A 42 -4.30 9.73 7.06
N THR A 43 -5.27 9.64 6.15
CA THR A 43 -6.33 8.65 6.27
C THR A 43 -6.07 7.46 5.38
N VAL A 44 -5.42 6.44 5.93
CA VAL A 44 -5.10 5.24 5.17
C VAL A 44 -6.17 4.17 5.38
N VAL A 45 -6.31 3.27 4.40
CA VAL A 45 -7.28 2.19 4.49
C VAL A 45 -6.69 0.87 4.05
N PRO A 46 -7.12 -0.22 4.70
CA PRO A 46 -6.63 -1.57 4.39
C PRO A 46 -7.13 -2.07 3.04
N LEU A 47 -6.19 -2.34 2.14
CA LEU A 47 -6.52 -2.83 0.80
C LEU A 47 -6.79 -4.33 0.82
N SER A 48 -5.88 -5.08 1.43
CA SER A 48 -6.02 -6.52 1.52
C SER A 48 -7.17 -6.92 2.44
N GLY A 49 -8.32 -7.17 1.85
CA GLY A 49 -9.49 -7.56 2.64
C GLY A 49 -10.72 -6.74 2.29
N PRO A 50 -11.90 -7.31 2.54
CA PRO A 50 -13.18 -6.64 2.26
C PRO A 50 -13.43 -5.47 3.19
N SER A 51 -12.49 -5.20 4.07
CA SER A 51 -12.61 -4.09 5.02
C SER A 51 -14.00 -4.06 5.64
N SER A 52 -14.51 -5.24 5.99
CA SER A 52 -15.83 -5.36 6.59
C SER A 52 -15.75 -6.01 7.96
N GLY A 53 -14.96 -7.08 8.06
CA GLY A 53 -14.81 -7.77 9.33
C GLY A 53 -15.74 -8.95 9.45
ZN ZN B . 5.92 2.83 1.26
ZN ZN C . -0.74 9.83 2.66
N GLY A 1 10.84 -17.17 -21.12
CA GLY A 1 9.69 -16.77 -20.34
C GLY A 1 8.65 -16.05 -21.17
N SER A 2 7.40 -16.08 -20.70
CA SER A 2 6.30 -15.43 -21.41
C SER A 2 5.67 -14.33 -20.54
N SER A 3 4.69 -13.63 -21.11
CA SER A 3 4.02 -12.55 -20.40
C SER A 3 2.90 -13.11 -19.52
N GLY A 4 2.63 -12.44 -18.40
CA GLY A 4 1.59 -12.87 -17.50
C GLY A 4 2.11 -13.15 -16.11
N SER A 5 1.43 -14.04 -15.38
CA SER A 5 1.83 -14.39 -14.03
C SER A 5 2.33 -13.16 -13.27
N SER A 6 1.64 -12.04 -13.45
CA SER A 6 2.02 -10.80 -12.80
C SER A 6 0.94 -10.36 -11.81
N GLY A 7 1.33 -9.55 -10.83
CA GLY A 7 0.39 -9.07 -9.84
C GLY A 7 1.07 -8.53 -8.59
N GLU A 8 1.95 -9.35 -8.01
CA GLU A 8 2.67 -8.95 -6.80
C GLU A 8 3.17 -7.52 -6.92
N SER A 9 2.57 -6.62 -6.14
CA SER A 9 2.97 -5.22 -6.15
C SER A 9 3.83 -4.88 -4.94
N LEU A 10 4.65 -3.84 -5.08
CA LEU A 10 5.53 -3.41 -4.00
C LEU A 10 5.75 -1.90 -4.05
N CYS A 11 5.81 -1.29 -2.87
CA CYS A 11 6.02 0.16 -2.78
C CYS A 11 7.20 0.59 -3.64
N PRO A 12 7.01 1.67 -4.40
CA PRO A 12 8.05 2.22 -5.28
C PRO A 12 9.19 2.86 -4.51
N GLN A 13 9.07 2.86 -3.18
CA GLN A 13 10.09 3.45 -2.33
C GLN A 13 10.55 2.45 -1.28
N HIS A 14 9.61 1.67 -0.75
CA HIS A 14 9.92 0.67 0.26
C HIS A 14 10.03 -0.71 -0.36
N HIS A 15 9.44 -0.88 -1.53
CA HIS A 15 9.48 -2.16 -2.24
C HIS A 15 8.90 -3.28 -1.37
N GLU A 16 7.78 -2.98 -0.72
CA GLU A 16 7.12 -3.96 0.15
C GLU A 16 5.66 -4.15 -0.27
N ALA A 17 5.18 -5.38 -0.14
CA ALA A 17 3.80 -5.71 -0.49
C ALA A 17 2.86 -4.58 -0.09
N LEU A 18 2.10 -4.08 -1.06
CA LEU A 18 1.15 -3.00 -0.80
C LEU A 18 -0.17 -3.54 -0.28
N SER A 19 -0.47 -3.24 0.98
CA SER A 19 -1.71 -3.69 1.60
C SER A 19 -2.50 -2.53 2.17
N LEU A 20 -2.17 -1.31 1.73
CA LEU A 20 -2.84 -0.11 2.20
C LEU A 20 -3.04 0.88 1.05
N PHE A 21 -3.85 1.91 1.31
CA PHE A 21 -4.10 2.93 0.30
C PHE A 21 -4.62 4.21 0.96
N CYS A 22 -3.86 5.30 0.81
CA CYS A 22 -4.24 6.58 1.38
C CYS A 22 -5.51 7.12 0.73
N TYR A 23 -6.25 7.94 1.47
CA TYR A 23 -7.49 8.52 0.97
C TYR A 23 -7.26 9.92 0.43
N GLU A 24 -6.29 10.61 1.01
CA GLU A 24 -5.95 11.98 0.59
C GLU A 24 -5.00 11.97 -0.60
N ASP A 25 -3.84 11.35 -0.41
CA ASP A 25 -2.84 11.26 -1.46
C ASP A 25 -3.33 10.39 -2.61
N GLN A 26 -4.46 9.72 -2.39
CA GLN A 26 -5.03 8.85 -3.41
C GLN A 26 -3.96 7.98 -4.06
N GLU A 27 -2.97 7.58 -3.26
CA GLU A 27 -1.88 6.76 -3.76
C GLU A 27 -1.70 5.51 -2.89
N ALA A 28 -1.43 4.38 -3.54
CA ALA A 28 -1.24 3.12 -2.83
C ALA A 28 0.05 3.13 -2.03
N VAL A 29 -0.08 2.92 -0.71
CA VAL A 29 1.08 2.91 0.17
C VAL A 29 1.25 1.55 0.83
N CYS A 30 2.32 1.41 1.61
CA CYS A 30 2.60 0.15 2.30
C CYS A 30 2.49 0.33 3.81
N LEU A 31 2.66 -0.76 4.54
CA LEU A 31 2.58 -0.73 6.00
C LEU A 31 3.55 0.30 6.57
N ILE A 32 4.74 0.37 5.98
CA ILE A 32 5.76 1.32 6.44
C ILE A 32 5.30 2.76 6.24
N CYS A 33 5.01 3.11 5.00
CA CYS A 33 4.55 4.46 4.68
C CYS A 33 3.59 4.99 5.75
N ALA A 34 2.74 4.10 6.25
CA ALA A 34 1.78 4.47 7.28
C ALA A 34 2.46 4.79 8.59
N ILE A 35 2.93 3.75 9.28
CA ILE A 35 3.61 3.92 10.56
C ILE A 35 4.60 5.08 10.50
N SER A 36 5.12 5.34 9.30
CA SER A 36 6.08 6.42 9.11
C SER A 36 5.42 7.78 9.32
N HIS A 37 6.24 8.80 9.58
CA HIS A 37 5.73 10.15 9.80
C HIS A 37 5.43 10.83 8.47
N THR A 38 4.70 10.14 7.60
CA THR A 38 4.35 10.68 6.30
C THR A 38 2.84 10.65 6.08
N HIS A 39 2.23 9.51 6.36
CA HIS A 39 0.80 9.34 6.20
C HIS A 39 0.15 8.83 7.48
N ARG A 40 0.28 9.61 8.55
CA ARG A 40 -0.28 9.23 9.84
C ARG A 40 -1.65 9.87 10.04
N ALA A 41 -1.73 11.18 9.84
CA ALA A 41 -2.97 11.91 10.00
C ALA A 41 -4.00 11.50 8.95
N HIS A 42 -3.53 11.32 7.72
CA HIS A 42 -4.41 10.91 6.61
C HIS A 42 -5.26 9.72 7.02
N THR A 43 -6.15 9.32 6.11
CA THR A 43 -7.04 8.19 6.38
C THR A 43 -6.70 7.00 5.48
N VAL A 44 -5.62 6.30 5.82
CA VAL A 44 -5.18 5.15 5.04
C VAL A 44 -6.09 3.94 5.29
N VAL A 45 -6.56 3.32 4.21
CA VAL A 45 -7.43 2.16 4.32
C VAL A 45 -6.75 0.91 3.79
N PRO A 46 -7.02 -0.24 4.42
CA PRO A 46 -6.44 -1.52 4.03
C PRO A 46 -6.99 -2.03 2.70
N LEU A 47 -6.10 -2.38 1.79
CA LEU A 47 -6.50 -2.89 0.48
C LEU A 47 -6.68 -4.39 0.50
N SER A 48 -7.83 -4.84 1.01
CA SER A 48 -8.13 -6.27 1.08
C SER A 48 -6.87 -7.07 1.38
N GLY A 49 -6.05 -6.56 2.28
CA GLY A 49 -4.82 -7.24 2.64
C GLY A 49 -4.92 -7.99 3.96
N PRO A 50 -3.91 -8.82 4.26
CA PRO A 50 -3.88 -9.60 5.49
C PRO A 50 -3.68 -8.74 6.73
N SER A 51 -3.46 -7.45 6.52
CA SER A 51 -3.24 -6.52 7.62
C SER A 51 -4.09 -6.90 8.83
N SER A 52 -3.54 -6.70 10.01
CA SER A 52 -4.24 -7.03 11.25
C SER A 52 -3.79 -6.12 12.39
N GLY A 53 -4.50 -6.17 13.50
CA GLY A 53 -4.16 -5.35 14.66
C GLY A 53 -5.35 -5.10 15.56
ZN ZN B . 5.93 2.51 1.35
ZN ZN C . -1.38 10.23 2.60
N GLY A 1 2.69 -12.94 -17.17
CA GLY A 1 1.68 -12.05 -17.72
C GLY A 1 0.36 -12.13 -16.98
N SER A 2 0.33 -11.59 -15.76
CA SER A 2 -0.88 -11.61 -14.95
C SER A 2 -1.96 -10.74 -15.57
N SER A 3 -3.16 -10.79 -14.99
CA SER A 3 -4.28 -10.01 -15.48
C SER A 3 -4.09 -8.53 -15.20
N GLY A 4 -3.33 -7.86 -16.06
CA GLY A 4 -3.07 -6.45 -15.89
C GLY A 4 -1.86 -6.18 -15.01
N SER A 5 -2.11 -5.68 -13.80
CA SER A 5 -1.03 -5.38 -12.87
C SER A 5 -1.22 -6.12 -11.55
N SER A 6 -1.37 -7.43 -11.64
CA SER A 6 -1.56 -8.26 -10.45
C SER A 6 -0.39 -9.22 -10.26
N GLY A 7 -0.36 -9.87 -9.11
CA GLY A 7 0.71 -10.81 -8.81
C GLY A 7 1.48 -10.45 -7.56
N GLU A 8 2.43 -9.54 -7.69
CA GLU A 8 3.24 -9.11 -6.57
C GLU A 8 3.39 -7.59 -6.55
N SER A 9 2.68 -6.94 -5.63
CA SER A 9 2.72 -5.48 -5.51
C SER A 9 3.67 -5.06 -4.40
N LEU A 10 4.47 -4.03 -4.66
CA LEU A 10 5.41 -3.52 -3.69
C LEU A 10 5.59 -2.02 -3.82
N CYS A 11 5.83 -1.35 -2.69
CA CYS A 11 6.02 0.10 -2.69
C CYS A 11 7.20 0.49 -3.58
N PRO A 12 6.99 1.53 -4.40
CA PRO A 12 8.02 2.04 -5.32
C PRO A 12 9.15 2.73 -4.58
N GLN A 13 9.03 2.82 -3.26
CA GLN A 13 10.06 3.46 -2.44
C GLN A 13 10.55 2.51 -1.34
N HIS A 14 9.63 1.73 -0.79
CA HIS A 14 9.97 0.78 0.26
C HIS A 14 10.08 -0.64 -0.29
N HIS A 15 9.42 -0.88 -1.41
CA HIS A 15 9.44 -2.20 -2.04
C HIS A 15 8.85 -3.26 -1.12
N GLU A 16 7.74 -2.92 -0.48
CA GLU A 16 7.07 -3.84 0.43
C GLU A 16 5.62 -4.07 0.00
N ALA A 17 5.11 -5.27 0.29
CA ALA A 17 3.74 -5.61 -0.06
C ALA A 17 2.80 -4.43 0.13
N LEU A 18 2.14 -4.02 -0.95
CA LEU A 18 1.21 -2.90 -0.89
C LEU A 18 -0.19 -3.36 -0.52
N SER A 19 -0.51 -3.28 0.77
CA SER A 19 -1.82 -3.70 1.26
C SER A 19 -2.53 -2.53 1.95
N LEU A 20 -2.22 -1.32 1.52
CA LEU A 20 -2.83 -0.13 2.10
C LEU A 20 -3.05 0.94 1.02
N PHE A 21 -4.02 1.83 1.27
CA PHE A 21 -4.32 2.90 0.32
C PHE A 21 -4.68 4.18 1.06
N CYS A 22 -4.01 5.27 0.71
CA CYS A 22 -4.24 6.56 1.34
C CYS A 22 -5.22 7.39 0.50
N TYR A 23 -6.15 8.06 1.18
CA TYR A 23 -7.13 8.90 0.51
C TYR A 23 -6.57 10.28 0.22
N GLU A 24 -6.10 10.96 1.26
CA GLU A 24 -5.54 12.29 1.12
C GLU A 24 -4.59 12.36 -0.07
N ASP A 25 -3.76 11.33 -0.22
CA ASP A 25 -2.80 11.28 -1.32
C ASP A 25 -3.40 10.54 -2.52
N GLN A 26 -4.39 9.69 -2.26
CA GLN A 26 -5.04 8.92 -3.31
C GLN A 26 -4.06 7.98 -4.00
N GLU A 27 -3.09 7.50 -3.23
CA GLU A 27 -2.08 6.58 -3.75
C GLU A 27 -1.95 5.34 -2.87
N ALA A 28 -1.46 4.25 -3.45
CA ALA A 28 -1.29 3.01 -2.71
C ALA A 28 -0.04 3.05 -1.85
N VAL A 29 -0.22 2.99 -0.54
CA VAL A 29 0.91 3.01 0.40
C VAL A 29 1.13 1.65 1.01
N CYS A 30 2.27 1.50 1.69
CA CYS A 30 2.62 0.23 2.34
C CYS A 30 2.56 0.36 3.85
N LEU A 31 2.70 -0.77 4.54
CA LEU A 31 2.66 -0.78 6.00
C LEU A 31 3.67 0.20 6.58
N ILE A 32 4.81 0.33 5.92
CA ILE A 32 5.86 1.25 6.37
C ILE A 32 5.41 2.70 6.25
N CYS A 33 4.84 3.04 5.10
CA CYS A 33 4.36 4.40 4.84
C CYS A 33 3.36 4.82 5.91
N ALA A 34 2.32 4.02 6.09
CA ALA A 34 1.29 4.30 7.07
C ALA A 34 1.89 4.90 8.35
N ILE A 35 2.82 4.17 8.95
CA ILE A 35 3.48 4.62 10.17
C ILE A 35 4.73 5.43 9.85
N SER A 36 4.65 6.23 8.80
CA SER A 36 5.78 7.07 8.39
C SER A 36 5.45 8.54 8.56
N HIS A 37 6.48 9.39 8.45
CA HIS A 37 6.30 10.83 8.60
C HIS A 37 5.42 11.39 7.49
N THR A 38 5.83 11.17 6.24
CA THR A 38 5.07 11.65 5.09
C THR A 38 3.60 11.33 5.23
N HIS A 39 3.29 10.05 5.48
CA HIS A 39 1.90 9.62 5.63
C HIS A 39 1.53 9.52 7.10
N ARG A 40 1.86 10.56 7.87
CA ARG A 40 1.56 10.59 9.29
C ARG A 40 0.15 11.12 9.53
N ALA A 41 -0.57 10.49 10.46
CA ALA A 41 -1.93 10.90 10.79
C ALA A 41 -2.77 11.07 9.53
N HIS A 42 -2.69 10.10 8.63
CA HIS A 42 -3.44 10.14 7.38
C HIS A 42 -4.54 9.08 7.38
N THR A 43 -5.50 9.22 6.47
CA THR A 43 -6.60 8.28 6.36
C THR A 43 -6.28 7.17 5.37
N VAL A 44 -5.69 6.08 5.87
CA VAL A 44 -5.33 4.95 5.02
C VAL A 44 -6.27 3.77 5.25
N VAL A 45 -6.50 2.99 4.20
CA VAL A 45 -7.37 1.84 4.28
C VAL A 45 -6.66 0.56 3.83
N PRO A 46 -6.99 -0.56 4.47
CA PRO A 46 -6.40 -1.86 4.14
C PRO A 46 -6.85 -2.39 2.79
N LEU A 47 -5.91 -2.55 1.87
CA LEU A 47 -6.21 -3.05 0.53
C LEU A 47 -6.33 -4.57 0.53
N SER A 48 -6.66 -5.13 -0.63
CA SER A 48 -6.81 -6.58 -0.76
C SER A 48 -7.38 -7.18 0.52
N GLY A 49 -8.41 -6.55 1.07
CA GLY A 49 -9.03 -7.03 2.29
C GLY A 49 -8.56 -6.28 3.52
N PRO A 50 -9.40 -6.25 4.56
CA PRO A 50 -9.08 -5.57 5.81
C PRO A 50 -7.99 -6.29 6.60
N SER A 51 -7.67 -5.74 7.77
CA SER A 51 -6.64 -6.32 8.63
C SER A 51 -7.08 -7.69 9.15
N SER A 52 -6.21 -8.69 8.98
CA SER A 52 -6.51 -10.04 9.43
C SER A 52 -6.61 -10.09 10.96
N GLY A 53 -7.46 -10.99 11.45
CA GLY A 53 -7.65 -11.13 12.88
C GLY A 53 -7.63 -12.57 13.33
ZN ZN B . 5.87 2.71 1.35
ZN ZN C . -1.10 9.81 3.13
N GLY A 1 20.59 -14.87 -16.46
CA GLY A 1 19.31 -15.05 -17.09
C GLY A 1 18.18 -14.43 -16.30
N SER A 2 17.08 -15.18 -16.15
CA SER A 2 15.92 -14.70 -15.40
C SER A 2 15.52 -15.68 -14.31
N SER A 3 15.26 -15.15 -13.12
CA SER A 3 14.87 -15.98 -11.98
C SER A 3 13.38 -15.81 -11.67
N GLY A 4 12.93 -14.56 -11.65
CA GLY A 4 11.53 -14.28 -11.36
C GLY A 4 11.36 -13.39 -10.15
N SER A 5 11.46 -12.08 -10.37
CA SER A 5 11.32 -11.12 -9.28
C SER A 5 10.03 -10.31 -9.43
N SER A 6 8.95 -11.01 -9.79
CA SER A 6 7.65 -10.38 -9.96
C SER A 6 6.53 -11.26 -9.42
N GLY A 7 5.85 -10.77 -8.38
CA GLY A 7 4.76 -11.52 -7.78
C GLY A 7 3.63 -10.64 -7.32
N GLU A 8 3.89 -9.82 -6.31
CA GLU A 8 2.87 -8.92 -5.78
C GLU A 8 3.37 -7.48 -5.77
N SER A 9 2.48 -6.54 -6.08
CA SER A 9 2.83 -5.13 -6.11
C SER A 9 3.72 -4.77 -4.92
N LEU A 10 4.60 -3.79 -5.12
CA LEU A 10 5.51 -3.35 -4.07
C LEU A 10 5.66 -1.83 -4.07
N CYS A 11 5.98 -1.27 -2.91
CA CYS A 11 6.15 0.16 -2.78
C CYS A 11 7.26 0.68 -3.71
N PRO A 12 6.97 1.77 -4.42
CA PRO A 12 7.93 2.38 -5.35
C PRO A 12 9.11 3.03 -4.63
N GLN A 13 9.13 2.90 -3.31
CA GLN A 13 10.21 3.48 -2.50
C GLN A 13 10.71 2.46 -1.48
N HIS A 14 9.81 1.66 -0.94
CA HIS A 14 10.17 0.64 0.04
C HIS A 14 10.06 -0.76 -0.55
N HIS A 15 9.44 -0.85 -1.72
CA HIS A 15 9.27 -2.14 -2.39
C HIS A 15 8.69 -3.18 -1.43
N GLU A 16 7.85 -2.73 -0.50
CA GLU A 16 7.24 -3.61 0.49
C GLU A 16 5.82 -3.98 0.07
N ALA A 17 5.41 -5.20 0.42
CA ALA A 17 4.07 -5.66 0.10
C ALA A 17 3.03 -4.58 0.32
N LEU A 18 2.46 -4.08 -0.77
CA LEU A 18 1.45 -3.02 -0.68
C LEU A 18 0.12 -3.58 -0.19
N SER A 19 -0.34 -3.09 0.95
CA SER A 19 -1.60 -3.55 1.52
C SER A 19 -2.50 -2.36 1.87
N LEU A 20 -1.88 -1.26 2.31
CA LEU A 20 -2.62 -0.06 2.67
C LEU A 20 -2.71 0.90 1.50
N PHE A 21 -3.56 1.92 1.63
CA PHE A 21 -3.73 2.91 0.57
C PHE A 21 -4.26 4.22 1.14
N CYS A 22 -3.49 5.28 0.98
CA CYS A 22 -3.88 6.60 1.48
C CYS A 22 -5.09 7.13 0.73
N TYR A 23 -6.00 7.76 1.46
CA TYR A 23 -7.21 8.32 0.87
C TYR A 23 -6.96 9.71 0.30
N GLU A 24 -6.62 10.64 1.18
CA GLU A 24 -6.35 12.02 0.77
C GLU A 24 -5.41 12.05 -0.43
N ASP A 25 -4.32 11.30 -0.34
CA ASP A 25 -3.34 11.24 -1.42
C ASP A 25 -3.90 10.47 -2.61
N GLN A 26 -4.60 9.39 -2.33
CA GLN A 26 -5.18 8.56 -3.39
C GLN A 26 -4.11 7.73 -4.08
N GLU A 27 -3.22 7.15 -3.29
CA GLU A 27 -2.15 6.32 -3.82
C GLU A 27 -1.84 5.16 -2.89
N ALA A 28 -1.60 3.99 -3.48
CA ALA A 28 -1.28 2.80 -2.69
C ALA A 28 -0.04 3.00 -1.86
N VAL A 29 -0.05 2.45 -0.64
CA VAL A 29 1.09 2.58 0.27
C VAL A 29 1.35 1.26 0.99
N CYS A 30 2.49 1.20 1.68
CA CYS A 30 2.86 0.00 2.42
C CYS A 30 2.75 0.23 3.93
N LEU A 31 2.87 -0.84 4.70
CA LEU A 31 2.78 -0.77 6.15
C LEU A 31 3.61 0.39 6.68
N ILE A 32 4.93 0.29 6.53
CA ILE A 32 5.85 1.32 6.98
C ILE A 32 5.32 2.71 6.64
N CYS A 33 5.05 2.93 5.36
CA CYS A 33 4.55 4.21 4.89
C CYS A 33 3.51 4.78 5.86
N ALA A 34 2.56 3.93 6.25
CA ALA A 34 1.51 4.36 7.18
C ALA A 34 2.10 4.74 8.53
N ILE A 35 3.07 3.96 8.99
CA ILE A 35 3.71 4.22 10.28
C ILE A 35 5.04 4.95 10.08
N SER A 36 5.04 5.94 9.18
CA SER A 36 6.25 6.71 8.91
C SER A 36 5.95 8.21 8.96
N HIS A 37 5.10 8.59 9.90
CA HIS A 37 4.73 10.00 10.07
C HIS A 37 4.52 10.67 8.71
N THR A 38 4.11 9.87 7.73
CA THR A 38 3.87 10.38 6.38
C THR A 38 2.37 10.40 6.06
N HIS A 39 1.76 9.22 6.08
CA HIS A 39 0.33 9.11 5.79
C HIS A 39 -0.47 8.91 7.08
N ARG A 40 0.23 8.55 8.14
CA ARG A 40 -0.42 8.33 9.43
C ARG A 40 -1.53 9.35 9.67
N ALA A 41 -1.20 10.63 9.49
CA ALA A 41 -2.16 11.70 9.68
C ALA A 41 -3.36 11.54 8.75
N HIS A 42 -3.07 11.19 7.49
CA HIS A 42 -4.12 11.00 6.49
C HIS A 42 -5.00 9.82 6.86
N THR A 43 -6.02 9.57 6.03
CA THR A 43 -6.94 8.47 6.27
C THR A 43 -6.57 7.26 5.43
N VAL A 44 -5.63 6.46 5.94
CA VAL A 44 -5.18 5.26 5.25
C VAL A 44 -6.24 4.17 5.29
N VAL A 45 -6.57 3.63 4.12
CA VAL A 45 -7.58 2.57 4.03
C VAL A 45 -6.97 1.28 3.49
N PRO A 46 -7.43 0.14 4.02
CA PRO A 46 -6.94 -1.18 3.60
C PRO A 46 -7.38 -1.53 2.19
N LEU A 47 -6.42 -1.82 1.32
CA LEU A 47 -6.70 -2.19 -0.06
C LEU A 47 -7.35 -3.57 -0.14
N SER A 48 -6.70 -4.55 0.47
CA SER A 48 -7.22 -5.92 0.47
C SER A 48 -8.23 -6.12 1.59
N GLY A 49 -9.48 -5.78 1.32
CA GLY A 49 -10.53 -5.94 2.31
C GLY A 49 -11.91 -5.65 1.76
N PRO A 50 -12.92 -6.40 2.22
CA PRO A 50 -14.29 -6.24 1.77
C PRO A 50 -14.92 -4.93 2.27
N SER A 51 -16.17 -4.71 1.90
CA SER A 51 -16.88 -3.50 2.30
C SER A 51 -16.58 -3.15 3.76
N SER A 52 -15.80 -2.09 3.96
CA SER A 52 -15.43 -1.65 5.30
C SER A 52 -16.48 -0.69 5.87
N GLY A 53 -17.09 -1.10 6.98
CA GLY A 53 -18.11 -0.27 7.61
C GLY A 53 -18.16 -0.46 9.11
ZN ZN B . 6.15 2.40 1.41
ZN ZN C . -1.06 10.17 2.85
N GLY A 1 2.07 -26.55 -11.75
CA GLY A 1 1.57 -25.51 -10.87
C GLY A 1 2.68 -24.83 -10.09
N SER A 2 3.38 -23.90 -10.74
CA SER A 2 4.47 -23.18 -10.11
C SER A 2 3.95 -22.01 -9.28
N SER A 3 4.82 -21.42 -8.47
CA SER A 3 4.44 -20.29 -7.63
C SER A 3 5.34 -19.09 -7.90
N GLY A 4 4.72 -17.95 -8.19
CA GLY A 4 5.47 -16.74 -8.47
C GLY A 4 4.77 -15.49 -7.97
N SER A 5 3.88 -14.94 -8.77
CA SER A 5 3.14 -13.74 -8.40
C SER A 5 2.02 -13.45 -9.40
N SER A 6 0.78 -13.48 -8.91
CA SER A 6 -0.37 -13.22 -9.77
C SER A 6 -0.89 -11.80 -9.57
N GLY A 7 0.04 -10.85 -9.47
CA GLY A 7 -0.35 -9.46 -9.27
C GLY A 7 0.23 -8.88 -8.00
N GLU A 8 1.47 -9.23 -7.69
CA GLU A 8 2.14 -8.74 -6.48
C GLU A 8 2.85 -7.42 -6.76
N SER A 9 2.52 -6.39 -5.98
CA SER A 9 3.11 -5.07 -6.14
C SER A 9 3.90 -4.68 -4.90
N LEU A 10 4.75 -3.67 -5.03
CA LEU A 10 5.56 -3.19 -3.92
C LEU A 10 5.75 -1.68 -3.99
N CYS A 11 5.94 -1.06 -2.83
CA CYS A 11 6.13 0.39 -2.76
C CYS A 11 7.35 0.81 -3.57
N PRO A 12 7.19 1.88 -4.36
CA PRO A 12 8.27 2.42 -5.20
C PRO A 12 9.37 3.07 -4.37
N GLN A 13 9.23 3.01 -3.06
CA GLN A 13 10.22 3.60 -2.15
C GLN A 13 10.69 2.58 -1.12
N HIS A 14 9.75 1.81 -0.59
CA HIS A 14 10.07 0.79 0.41
C HIS A 14 10.10 -0.59 -0.22
N HIS A 15 9.52 -0.72 -1.41
CA HIS A 15 9.49 -1.99 -2.11
C HIS A 15 8.89 -3.09 -1.23
N GLU A 16 7.85 -2.74 -0.48
CA GLU A 16 7.19 -3.68 0.40
C GLU A 16 5.76 -3.97 -0.06
N ALA A 17 5.27 -5.15 0.27
CA ALA A 17 3.92 -5.54 -0.13
C ALA A 17 2.93 -4.40 0.10
N LEU A 18 2.27 -3.98 -0.97
CA LEU A 18 1.30 -2.89 -0.89
C LEU A 18 -0.06 -3.41 -0.43
N SER A 19 -0.38 -3.16 0.85
CA SER A 19 -1.65 -3.61 1.41
C SER A 19 -2.37 -2.45 2.09
N LEU A 20 -2.13 -1.24 1.61
CA LEU A 20 -2.76 -0.05 2.17
C LEU A 20 -2.97 1.02 1.09
N PHE A 21 -3.91 1.92 1.33
CA PHE A 21 -4.22 2.97 0.38
C PHE A 21 -4.52 4.29 1.12
N CYS A 22 -4.02 5.39 0.58
CA CYS A 22 -4.23 6.70 1.17
C CYS A 22 -5.20 7.52 0.33
N TYR A 23 -6.30 7.94 0.95
CA TYR A 23 -7.31 8.74 0.27
C TYR A 23 -6.75 10.10 -0.14
N GLU A 24 -6.40 10.91 0.85
CA GLU A 24 -5.85 12.23 0.59
C GLU A 24 -4.87 12.19 -0.58
N ASP A 25 -3.86 11.33 -0.47
CA ASP A 25 -2.86 11.19 -1.52
C ASP A 25 -3.42 10.44 -2.72
N GLN A 26 -4.52 9.73 -2.50
CA GLN A 26 -5.15 8.96 -3.57
C GLN A 26 -4.16 8.01 -4.21
N GLU A 27 -3.34 7.36 -3.40
CA GLU A 27 -2.34 6.42 -3.89
C GLU A 27 -2.21 5.22 -2.96
N ALA A 28 -1.74 4.10 -3.50
CA ALA A 28 -1.56 2.89 -2.72
C ALA A 28 -0.23 2.90 -1.97
N VAL A 29 -0.29 2.92 -0.64
CA VAL A 29 0.91 2.93 0.18
C VAL A 29 1.22 1.54 0.72
N CYS A 30 2.27 1.45 1.54
CA CYS A 30 2.68 0.17 2.11
C CYS A 30 2.74 0.26 3.63
N LEU A 31 2.74 -0.90 4.28
CA LEU A 31 2.80 -0.96 5.74
C LEU A 31 3.73 0.11 6.29
N ILE A 32 4.99 0.08 5.86
CA ILE A 32 5.98 1.06 6.30
C ILE A 32 5.40 2.47 6.29
N CYS A 33 4.95 2.91 5.12
CA CYS A 33 4.37 4.25 4.97
C CYS A 33 3.44 4.57 6.14
N ALA A 34 2.50 3.66 6.41
CA ALA A 34 1.54 3.85 7.49
C ALA A 34 2.24 4.36 8.75
N ILE A 35 3.19 3.57 9.26
CA ILE A 35 3.93 3.93 10.46
C ILE A 35 5.10 4.85 10.12
N SER A 36 4.91 5.71 9.12
CA SER A 36 5.94 6.63 8.70
C SER A 36 5.41 8.07 8.68
N HIS A 37 6.16 8.98 9.31
CA HIS A 37 5.76 10.38 9.37
C HIS A 37 5.06 10.79 8.08
N THR A 38 5.53 10.26 6.95
CA THR A 38 4.93 10.59 5.66
C THR A 38 3.43 10.35 5.66
N HIS A 39 3.03 9.10 5.89
CA HIS A 39 1.62 8.74 5.91
C HIS A 39 1.21 8.25 7.30
N ARG A 40 1.60 9.00 8.32
CA ARG A 40 1.28 8.63 9.69
C ARG A 40 -0.02 9.29 10.15
N ALA A 41 -0.14 10.59 9.88
CA ALA A 41 -1.33 11.35 10.25
C ALA A 41 -2.27 11.52 9.06
N HIS A 42 -2.38 10.47 8.24
CA HIS A 42 -3.24 10.52 7.07
C HIS A 42 -4.38 9.50 7.19
N THR A 43 -5.24 9.46 6.18
CA THR A 43 -6.37 8.54 6.18
C THR A 43 -6.08 7.32 5.31
N VAL A 44 -5.34 6.37 5.85
CA VAL A 44 -5.00 5.16 5.11
C VAL A 44 -5.97 4.02 5.43
N VAL A 45 -6.47 3.37 4.39
CA VAL A 45 -7.41 2.27 4.56
C VAL A 45 -6.83 0.96 4.05
N PRO A 46 -7.15 -0.14 4.74
CA PRO A 46 -6.66 -1.47 4.37
C PRO A 46 -7.29 -1.99 3.08
N LEU A 47 -6.44 -2.42 2.15
CA LEU A 47 -6.91 -2.93 0.87
C LEU A 47 -7.00 -4.46 0.90
N SER A 48 -7.82 -4.98 1.81
CA SER A 48 -7.99 -6.42 1.94
C SER A 48 -9.13 -6.74 2.90
N GLY A 49 -9.97 -7.70 2.53
CA GLY A 49 -11.08 -8.09 3.37
C GLY A 49 -10.64 -8.56 4.74
N PRO A 50 -11.57 -8.56 5.71
CA PRO A 50 -11.29 -8.99 7.08
C PRO A 50 -11.04 -10.48 7.19
N SER A 51 -10.88 -10.97 8.41
CA SER A 51 -10.64 -12.39 8.65
C SER A 51 -11.85 -13.22 8.24
N SER A 52 -13.03 -12.78 8.68
CA SER A 52 -14.27 -13.49 8.36
C SER A 52 -14.99 -12.82 7.21
N GLY A 53 -14.53 -13.07 5.99
CA GLY A 53 -15.14 -12.49 4.82
C GLY A 53 -16.51 -13.08 4.53
ZN ZN B . 5.79 2.79 1.40
ZN ZN C . -1.02 9.89 2.91
N GLY A 1 12.15 -10.85 -19.99
CA GLY A 1 12.85 -12.10 -20.18
C GLY A 1 12.42 -13.16 -19.19
N SER A 2 13.11 -14.29 -19.20
CA SER A 2 12.79 -15.39 -18.30
C SER A 2 12.41 -14.86 -16.91
N SER A 3 11.12 -14.91 -16.61
CA SER A 3 10.62 -14.44 -15.33
C SER A 3 9.16 -14.85 -15.13
N GLY A 4 8.72 -14.86 -13.88
CA GLY A 4 7.35 -15.23 -13.56
C GLY A 4 6.81 -14.52 -12.33
N SER A 5 5.67 -13.87 -12.49
CA SER A 5 5.06 -13.15 -11.37
C SER A 5 3.57 -13.48 -11.26
N SER A 6 3.08 -13.54 -10.03
CA SER A 6 1.67 -13.85 -9.79
C SER A 6 0.91 -12.61 -9.34
N GLY A 7 1.17 -11.49 -10.00
CA GLY A 7 0.50 -10.25 -9.65
C GLY A 7 0.83 -9.79 -8.24
N GLU A 8 1.56 -8.70 -8.13
CA GLU A 8 1.95 -8.14 -6.84
C GLU A 8 2.49 -6.72 -6.98
N SER A 9 2.12 -5.87 -6.03
CA SER A 9 2.56 -4.48 -6.04
C SER A 9 3.43 -4.17 -4.82
N LEU A 10 4.51 -3.44 -5.06
CA LEU A 10 5.43 -3.07 -3.98
C LEU A 10 5.71 -1.58 -4.00
N CYS A 11 5.89 -1.00 -2.81
CA CYS A 11 6.17 0.43 -2.69
C CYS A 11 7.38 0.81 -3.54
N PRO A 12 7.25 1.92 -4.28
CA PRO A 12 8.31 2.43 -5.15
C PRO A 12 9.49 2.99 -4.36
N GLN A 13 9.40 2.90 -3.04
CA GLN A 13 10.45 3.40 -2.17
C GLN A 13 10.88 2.34 -1.16
N HIS A 14 9.92 1.56 -0.69
CA HIS A 14 10.18 0.50 0.27
C HIS A 14 10.03 -0.88 -0.37
N HIS A 15 9.75 -0.89 -1.66
CA HIS A 15 9.58 -2.15 -2.38
C HIS A 15 8.90 -3.19 -1.52
N GLU A 16 8.01 -2.74 -0.64
CA GLU A 16 7.28 -3.65 0.25
C GLU A 16 5.86 -3.90 -0.25
N ALA A 17 5.34 -5.09 0.02
CA ALA A 17 4.00 -5.45 -0.40
C ALA A 17 3.00 -4.33 -0.08
N LEU A 18 2.31 -3.85 -1.10
CA LEU A 18 1.33 -2.78 -0.93
C LEU A 18 -0.05 -3.35 -0.60
N SER A 19 -0.51 -3.11 0.62
CA SER A 19 -1.81 -3.60 1.06
C SER A 19 -2.69 -2.45 1.53
N LEU A 20 -2.06 -1.42 2.08
CA LEU A 20 -2.79 -0.26 2.59
C LEU A 20 -2.96 0.78 1.49
N PHE A 21 -3.85 1.74 1.72
CA PHE A 21 -4.12 2.80 0.76
C PHE A 21 -4.50 4.10 1.46
N CYS A 22 -3.88 5.20 1.04
CA CYS A 22 -4.16 6.50 1.63
C CYS A 22 -5.15 7.28 0.78
N TYR A 23 -6.02 8.03 1.44
CA TYR A 23 -7.04 8.83 0.75
C TYR A 23 -6.45 10.16 0.28
N GLU A 24 -5.98 10.97 1.23
CA GLU A 24 -5.40 12.26 0.91
C GLU A 24 -4.56 12.18 -0.37
N ASP A 25 -3.58 11.30 -0.38
CA ASP A 25 -2.71 11.11 -1.53
C ASP A 25 -3.46 10.46 -2.68
N GLN A 26 -4.38 9.56 -2.35
CA GLN A 26 -5.16 8.86 -3.35
C GLN A 26 -4.31 7.85 -4.11
N GLU A 27 -3.38 7.21 -3.39
CA GLU A 27 -2.50 6.22 -4.00
C GLU A 27 -2.16 5.10 -3.00
N ALA A 28 -1.87 3.92 -3.53
CA ALA A 28 -1.51 2.78 -2.69
C ALA A 28 -0.25 3.05 -1.89
N VAL A 29 -0.15 2.43 -0.72
CA VAL A 29 1.01 2.60 0.15
C VAL A 29 1.34 1.31 0.89
N CYS A 30 2.46 1.31 1.59
CA CYS A 30 2.89 0.14 2.34
C CYS A 30 2.79 0.39 3.84
N LEU A 31 2.95 -0.68 4.62
CA LEU A 31 2.88 -0.57 6.07
C LEU A 31 3.84 0.50 6.60
N ILE A 32 5.02 0.56 6.01
CA ILE A 32 6.02 1.54 6.42
C ILE A 32 5.55 2.96 6.13
N CYS A 33 4.81 3.12 5.04
CA CYS A 33 4.29 4.43 4.66
C CYS A 33 3.21 4.90 5.64
N ALA A 34 2.35 3.96 6.04
CA ALA A 34 1.28 4.27 6.97
C ALA A 34 1.82 4.74 8.31
N ILE A 35 2.81 4.02 8.84
CA ILE A 35 3.41 4.36 10.11
C ILE A 35 4.35 5.56 9.96
N SER A 36 4.84 5.78 8.75
CA SER A 36 5.74 6.88 8.47
C SER A 36 5.06 8.23 8.69
N HIS A 37 5.86 9.27 8.89
CA HIS A 37 5.32 10.61 9.11
C HIS A 37 4.48 11.06 7.93
N THR A 38 5.02 10.87 6.72
CA THR A 38 4.31 11.27 5.50
C THR A 38 2.81 11.08 5.66
N HIS A 39 2.41 9.96 6.26
CA HIS A 39 1.00 9.67 6.45
C HIS A 39 0.73 9.23 7.90
N ARG A 40 0.94 10.15 8.83
CA ARG A 40 0.73 9.85 10.25
C ARG A 40 -0.73 10.06 10.63
N ALA A 41 -1.26 11.24 10.34
CA ALA A 41 -2.64 11.57 10.65
C ALA A 41 -3.50 11.58 9.39
N HIS A 42 -3.31 10.59 8.54
CA HIS A 42 -4.07 10.49 7.29
C HIS A 42 -5.10 9.37 7.38
N THR A 43 -5.98 9.31 6.39
CA THR A 43 -7.02 8.30 6.35
C THR A 43 -6.59 7.10 5.51
N VAL A 44 -5.94 6.13 6.16
CA VAL A 44 -5.48 4.93 5.46
C VAL A 44 -6.44 3.76 5.66
N VAL A 45 -6.70 3.03 4.59
CA VAL A 45 -7.61 1.90 4.65
C VAL A 45 -7.00 0.67 3.97
N PRO A 46 -7.27 -0.52 4.52
CA PRO A 46 -6.76 -1.77 3.98
C PRO A 46 -7.41 -2.15 2.66
N LEU A 47 -6.61 -2.23 1.60
CA LEU A 47 -7.11 -2.58 0.28
C LEU A 47 -7.62 -4.02 0.25
N SER A 48 -8.67 -4.25 -0.53
CA SER A 48 -9.25 -5.59 -0.65
C SER A 48 -8.55 -6.39 -1.74
N GLY A 49 -7.24 -6.23 -1.84
CA GLY A 49 -6.47 -6.94 -2.84
C GLY A 49 -5.93 -8.25 -2.31
N PRO A 50 -5.00 -8.86 -3.08
CA PRO A 50 -4.37 -10.13 -2.71
C PRO A 50 -3.44 -9.99 -1.49
N SER A 51 -3.95 -10.34 -0.32
CA SER A 51 -3.17 -10.24 0.91
C SER A 51 -3.12 -11.60 1.62
N SER A 52 -2.16 -12.44 1.24
CA SER A 52 -2.01 -13.76 1.84
C SER A 52 -1.03 -13.71 3.00
N GLY A 53 0.19 -13.28 2.73
CA GLY A 53 1.21 -13.19 3.77
C GLY A 53 1.63 -11.77 4.06
ZN ZN B . 6.16 2.67 1.49
ZN ZN C . -1.24 10.10 3.09
N GLY A 1 13.79 -7.89 -18.01
CA GLY A 1 14.79 -6.84 -17.99
C GLY A 1 14.23 -5.50 -18.44
N SER A 2 13.54 -5.50 -19.57
CA SER A 2 12.95 -4.28 -20.10
C SER A 2 11.43 -4.27 -19.92
N SER A 3 10.79 -5.35 -20.36
CA SER A 3 9.34 -5.47 -20.26
C SER A 3 8.96 -6.60 -19.30
N GLY A 4 7.76 -6.51 -18.74
CA GLY A 4 7.29 -7.52 -17.80
C GLY A 4 6.80 -6.92 -16.50
N SER A 5 5.83 -7.59 -15.88
CA SER A 5 5.26 -7.12 -14.62
C SER A 5 5.57 -8.10 -13.49
N SER A 6 5.22 -7.71 -12.27
CA SER A 6 5.45 -8.55 -11.10
C SER A 6 4.14 -9.13 -10.57
N GLY A 7 4.17 -10.41 -10.23
CA GLY A 7 2.97 -11.07 -9.72
C GLY A 7 2.27 -10.24 -8.66
N GLU A 8 3.03 -9.75 -7.69
CA GLU A 8 2.47 -8.95 -6.61
C GLU A 8 2.88 -7.49 -6.75
N SER A 9 2.39 -6.65 -5.85
CA SER A 9 2.71 -5.23 -5.87
C SER A 9 3.70 -4.87 -4.76
N LEU A 10 4.39 -3.75 -4.93
CA LEU A 10 5.36 -3.29 -3.95
C LEU A 10 5.55 -1.78 -4.03
N CYS A 11 5.85 -1.17 -2.89
CA CYS A 11 6.05 0.28 -2.83
C CYS A 11 7.28 0.68 -3.63
N PRO A 12 7.14 1.75 -4.44
CA PRO A 12 8.24 2.26 -5.27
C PRO A 12 9.34 2.91 -4.44
N GLN A 13 9.15 2.93 -3.13
CA GLN A 13 10.14 3.52 -2.22
C GLN A 13 10.65 2.50 -1.22
N HIS A 14 9.75 1.64 -0.75
CA HIS A 14 10.11 0.60 0.22
C HIS A 14 10.15 -0.77 -0.45
N HIS A 15 9.36 -0.93 -1.50
CA HIS A 15 9.30 -2.20 -2.23
C HIS A 15 8.73 -3.31 -1.35
N GLU A 16 7.66 -2.98 -0.62
CA GLU A 16 7.02 -3.94 0.26
C GLU A 16 5.58 -4.19 -0.17
N ALA A 17 5.14 -5.44 -0.04
CA ALA A 17 3.78 -5.81 -0.41
C ALA A 17 2.78 -4.71 -0.03
N LEU A 18 2.25 -4.02 -1.02
CA LEU A 18 1.29 -2.94 -0.79
C LEU A 18 -0.05 -3.51 -0.37
N SER A 19 -0.52 -3.10 0.81
CA SER A 19 -1.80 -3.56 1.33
C SER A 19 -2.68 -2.38 1.71
N LEU A 20 -2.06 -1.27 2.09
CA LEU A 20 -2.79 -0.07 2.48
C LEU A 20 -2.90 0.91 1.32
N PHE A 21 -3.79 1.88 1.45
CA PHE A 21 -3.99 2.88 0.41
C PHE A 21 -4.47 4.20 1.00
N CYS A 22 -3.68 5.25 0.79
CA CYS A 22 -4.03 6.57 1.31
C CYS A 22 -5.20 7.18 0.55
N TYR A 23 -6.13 7.78 1.27
CA TYR A 23 -7.30 8.39 0.66
C TYR A 23 -6.99 9.79 0.14
N GLU A 24 -6.64 10.69 1.06
CA GLU A 24 -6.30 12.07 0.69
C GLU A 24 -5.36 12.09 -0.51
N ASP A 25 -4.29 11.29 -0.43
CA ASP A 25 -3.31 11.23 -1.51
C ASP A 25 -3.86 10.45 -2.70
N GLN A 26 -4.79 9.54 -2.42
CA GLN A 26 -5.40 8.73 -3.47
C GLN A 26 -4.35 7.87 -4.17
N GLU A 27 -3.46 7.28 -3.37
CA GLU A 27 -2.41 6.42 -3.91
C GLU A 27 -2.21 5.19 -3.04
N ALA A 28 -1.33 4.29 -3.48
CA ALA A 28 -1.05 3.07 -2.73
C ALA A 28 0.11 3.26 -1.77
N VAL A 29 -0.01 2.69 -0.58
CA VAL A 29 1.03 2.80 0.43
C VAL A 29 1.35 1.45 1.04
N CYS A 30 2.49 1.37 1.74
CA CYS A 30 2.91 0.12 2.37
C CYS A 30 2.89 0.26 3.90
N LEU A 31 3.23 -0.82 4.58
CA LEU A 31 3.25 -0.83 6.04
C LEU A 31 4.13 0.30 6.57
N ILE A 32 5.43 0.20 6.33
CA ILE A 32 6.38 1.21 6.78
C ILE A 32 5.84 2.62 6.52
N CYS A 33 5.31 2.83 5.32
CA CYS A 33 4.77 4.13 4.94
C CYS A 33 3.83 4.66 6.03
N ALA A 34 2.78 3.90 6.32
CA ALA A 34 1.81 4.29 7.34
C ALA A 34 2.51 4.72 8.62
N ILE A 35 3.15 3.76 9.29
CA ILE A 35 3.85 4.03 10.53
C ILE A 35 4.78 5.24 10.39
N SER A 36 5.37 5.38 9.20
CA SER A 36 6.29 6.48 8.93
C SER A 36 5.60 7.82 9.14
N HIS A 37 6.40 8.88 9.23
CA HIS A 37 5.86 10.22 9.44
C HIS A 37 5.53 10.88 8.10
N THR A 38 4.99 10.10 7.18
CA THR A 38 4.63 10.61 5.87
C THR A 38 3.12 10.56 5.65
N HIS A 39 2.51 9.45 6.05
CA HIS A 39 1.06 9.29 5.90
C HIS A 39 0.42 8.93 7.24
N ARG A 40 0.88 9.59 8.29
CA ARG A 40 0.34 9.34 9.63
C ARG A 40 -0.99 10.04 9.82
N ALA A 41 -0.97 11.37 9.72
CA ALA A 41 -2.19 12.17 9.88
C ALA A 41 -3.01 12.16 8.61
N HIS A 42 -3.14 10.99 7.98
CA HIS A 42 -3.91 10.87 6.75
C HIS A 42 -4.97 9.78 6.89
N THR A 43 -5.85 9.70 5.90
CA THR A 43 -6.91 8.70 5.91
C THR A 43 -6.54 7.47 5.09
N VAL A 44 -5.77 6.57 5.70
CA VAL A 44 -5.34 5.35 5.02
C VAL A 44 -6.36 4.24 5.18
N VAL A 45 -6.74 3.62 4.07
CA VAL A 45 -7.71 2.53 4.09
C VAL A 45 -7.10 1.24 3.57
N PRO A 46 -7.50 0.10 4.17
CA PRO A 46 -7.01 -1.23 3.77
C PRO A 46 -7.53 -1.64 2.41
N LEU A 47 -6.62 -2.17 1.58
CA LEU A 47 -7.00 -2.62 0.24
C LEU A 47 -7.44 -4.08 0.25
N SER A 48 -6.52 -4.97 0.63
CA SER A 48 -6.82 -6.39 0.68
C SER A 48 -8.17 -6.64 1.34
N GLY A 49 -8.90 -7.63 0.83
CA GLY A 49 -10.21 -7.96 1.37
C GLY A 49 -11.18 -8.44 0.32
N PRO A 50 -12.07 -9.37 0.71
CA PRO A 50 -13.06 -9.94 -0.21
C PRO A 50 -14.14 -8.93 -0.59
N SER A 51 -13.99 -7.70 -0.10
CA SER A 51 -14.96 -6.65 -0.39
C SER A 51 -16.25 -6.86 0.41
N SER A 52 -16.09 -7.25 1.67
CA SER A 52 -17.25 -7.49 2.54
C SER A 52 -17.39 -6.37 3.57
N GLY A 53 -16.28 -6.05 4.24
CA GLY A 53 -16.31 -5.01 5.25
C GLY A 53 -14.98 -4.29 5.37
ZN ZN B . 6.15 2.63 1.26
ZN ZN C . -1.10 10.05 2.88
N GLY A 1 9.35 -11.57 -22.92
CA GLY A 1 8.08 -10.97 -23.30
C GLY A 1 7.23 -10.61 -22.09
N SER A 2 6.36 -9.62 -22.26
CA SER A 2 5.49 -9.18 -21.18
C SER A 2 4.28 -10.10 -21.04
N SER A 3 4.41 -11.11 -20.19
CA SER A 3 3.34 -12.07 -19.98
C SER A 3 3.62 -12.94 -18.75
N GLY A 4 2.66 -13.03 -17.85
CA GLY A 4 2.82 -13.84 -16.66
C GLY A 4 1.69 -13.65 -15.66
N SER A 5 2.03 -13.66 -14.38
CA SER A 5 1.04 -13.49 -13.33
C SER A 5 1.16 -12.12 -12.67
N SER A 6 0.04 -11.59 -12.19
CA SER A 6 0.03 -10.28 -11.54
C SER A 6 1.27 -10.07 -10.69
N GLY A 7 2.03 -9.03 -11.00
CA GLY A 7 3.24 -8.74 -10.26
C GLY A 7 3.00 -7.77 -9.11
N GLU A 8 3.59 -8.08 -7.95
CA GLU A 8 3.43 -7.22 -6.78
C GLU A 8 3.96 -5.82 -7.05
N SER A 9 3.12 -4.82 -6.81
CA SER A 9 3.50 -3.43 -7.03
C SER A 9 4.17 -2.85 -5.78
N LEU A 10 4.91 -3.69 -5.07
CA LEU A 10 5.60 -3.26 -3.86
C LEU A 10 6.02 -1.80 -3.97
N CYS A 11 5.79 -1.04 -2.89
CA CYS A 11 6.16 0.37 -2.86
C CYS A 11 7.46 0.62 -3.62
N PRO A 12 7.45 1.65 -4.46
CA PRO A 12 8.63 2.03 -5.27
C PRO A 12 9.75 2.59 -4.42
N GLN A 13 9.52 2.67 -3.11
CA GLN A 13 10.52 3.21 -2.19
C GLN A 13 10.76 2.23 -1.04
N HIS A 14 9.68 1.62 -0.55
CA HIS A 14 9.78 0.66 0.55
C HIS A 14 9.73 -0.77 0.03
N HIS A 15 9.48 -0.92 -1.26
CA HIS A 15 9.40 -2.24 -1.88
C HIS A 15 8.74 -3.24 -0.94
N GLU A 16 7.69 -2.80 -0.26
CA GLU A 16 6.95 -3.66 0.67
C GLU A 16 5.55 -3.95 0.16
N ALA A 17 5.08 -5.17 0.41
CA ALA A 17 3.75 -5.58 -0.02
C ALA A 17 2.74 -4.45 0.18
N LEU A 18 2.15 -3.99 -0.92
CA LEU A 18 1.16 -2.92 -0.86
C LEU A 18 -0.18 -3.44 -0.37
N SER A 19 -0.45 -3.27 0.92
CA SER A 19 -1.70 -3.73 1.51
C SER A 19 -2.44 -2.56 2.18
N LEU A 20 -2.07 -1.35 1.81
CA LEU A 20 -2.69 -0.15 2.37
C LEU A 20 -2.88 0.91 1.30
N PHE A 21 -3.87 1.77 1.49
CA PHE A 21 -4.16 2.84 0.55
C PHE A 21 -4.50 4.14 1.28
N CYS A 22 -3.98 5.25 0.77
CA CYS A 22 -4.21 6.55 1.38
C CYS A 22 -5.15 7.39 0.50
N TYR A 23 -6.23 7.89 1.11
CA TYR A 23 -7.20 8.71 0.39
C TYR A 23 -6.65 10.10 0.12
N GLU A 24 -6.44 10.86 1.19
CA GLU A 24 -5.93 12.22 1.07
C GLU A 24 -4.90 12.32 -0.06
N ASP A 25 -3.99 11.36 -0.11
CA ASP A 25 -2.96 11.33 -1.14
C ASP A 25 -3.49 10.71 -2.43
N GLN A 26 -4.42 9.77 -2.28
CA GLN A 26 -5.01 9.10 -3.43
C GLN A 26 -4.00 8.19 -4.11
N GLU A 27 -3.08 7.63 -3.33
CA GLU A 27 -2.05 6.75 -3.86
C GLU A 27 -1.82 5.56 -2.93
N ALA A 28 -1.84 4.36 -3.50
CA ALA A 28 -1.64 3.14 -2.72
C ALA A 28 -0.35 3.23 -1.91
N VAL A 29 -0.45 2.97 -0.61
CA VAL A 29 0.70 3.02 0.28
C VAL A 29 1.04 1.63 0.82
N CYS A 30 2.15 1.53 1.51
CA CYS A 30 2.59 0.26 2.08
C CYS A 30 2.61 0.33 3.60
N LEU A 31 3.01 -0.77 4.23
CA LEU A 31 3.07 -0.84 5.69
C LEU A 31 3.94 0.28 6.25
N ILE A 32 5.14 0.43 5.70
CA ILE A 32 6.06 1.47 6.14
C ILE A 32 5.42 2.85 6.05
N CYS A 33 4.85 3.15 4.88
CA CYS A 33 4.20 4.44 4.66
C CYS A 33 3.19 4.73 5.75
N ALA A 34 2.17 3.88 5.87
CA ALA A 34 1.14 4.04 6.88
C ALA A 34 1.74 4.46 8.22
N ILE A 35 2.88 3.87 8.56
CA ILE A 35 3.55 4.19 9.81
C ILE A 35 4.60 5.26 9.61
N SER A 36 4.31 6.22 8.74
CA SER A 36 5.24 7.32 8.45
C SER A 36 4.67 8.65 8.92
N HIS A 37 5.51 9.47 9.53
CA HIS A 37 5.09 10.78 10.02
C HIS A 37 4.18 11.47 9.00
N THR A 38 4.57 11.42 7.74
CA THR A 38 3.79 12.04 6.67
C THR A 38 2.38 11.48 6.62
N HIS A 39 2.26 10.18 6.88
CA HIS A 39 0.95 9.51 6.87
C HIS A 39 0.52 9.14 8.29
N ARG A 40 0.57 10.12 9.19
CA ARG A 40 0.19 9.90 10.58
C ARG A 40 -1.26 10.35 10.82
N ALA A 41 -1.59 11.54 10.33
CA ALA A 41 -2.92 12.08 10.49
C ALA A 41 -3.71 12.02 9.18
N HIS A 42 -3.61 10.89 8.49
CA HIS A 42 -4.31 10.71 7.23
C HIS A 42 -5.35 9.60 7.33
N THR A 43 -6.13 9.41 6.28
CA THR A 43 -7.17 8.40 6.26
C THR A 43 -6.73 7.18 5.44
N VAL A 44 -5.95 6.31 6.05
CA VAL A 44 -5.47 5.11 5.38
C VAL A 44 -6.46 3.97 5.52
N VAL A 45 -6.57 3.16 4.46
CA VAL A 45 -7.49 2.02 4.47
C VAL A 45 -6.80 0.75 3.97
N PRO A 46 -7.16 -0.39 4.57
CA PRO A 46 -6.59 -1.69 4.20
C PRO A 46 -7.03 -2.15 2.82
N LEU A 47 -6.08 -2.59 2.01
CA LEU A 47 -6.38 -3.06 0.66
C LEU A 47 -6.63 -4.56 0.66
N SER A 48 -7.71 -4.97 -0.01
CA SER A 48 -8.06 -6.39 -0.09
C SER A 48 -7.33 -7.07 -1.24
N GLY A 49 -6.89 -8.30 -1.01
CA GLY A 49 -6.17 -9.04 -2.03
C GLY A 49 -7.10 -9.86 -2.91
N PRO A 50 -6.53 -10.84 -3.64
CA PRO A 50 -7.29 -11.71 -4.52
C PRO A 50 -8.19 -12.68 -3.76
N SER A 51 -9.41 -12.86 -4.25
CA SER A 51 -10.36 -13.76 -3.60
C SER A 51 -9.66 -15.01 -3.09
N SER A 52 -9.78 -15.25 -1.78
CA SER A 52 -9.16 -16.41 -1.16
C SER A 52 -10.16 -17.15 -0.27
N GLY A 53 -9.89 -18.43 -0.02
CA GLY A 53 -10.77 -19.22 0.81
C GLY A 53 -10.10 -19.66 2.10
ZN ZN B . 5.74 2.89 1.08
ZN ZN C . -1.36 9.88 3.40
N GLY A 1 6.11 -12.98 -23.71
CA GLY A 1 5.49 -12.50 -22.50
C GLY A 1 5.31 -10.99 -22.49
N SER A 2 4.74 -10.46 -23.57
CA SER A 2 4.52 -9.03 -23.70
C SER A 2 3.25 -8.61 -22.94
N SER A 3 3.11 -9.10 -21.72
CA SER A 3 1.95 -8.78 -20.90
C SER A 3 2.36 -8.02 -19.65
N GLY A 4 1.41 -7.31 -19.05
CA GLY A 4 1.68 -6.54 -17.84
C GLY A 4 0.64 -6.75 -16.77
N SER A 5 0.62 -7.96 -16.20
CA SER A 5 -0.34 -8.29 -15.15
C SER A 5 0.32 -9.10 -14.04
N SER A 6 0.08 -8.69 -12.79
CA SER A 6 0.66 -9.37 -11.65
C SER A 6 -0.34 -9.42 -10.48
N GLY A 7 0.03 -10.14 -9.43
CA GLY A 7 -0.84 -10.25 -8.27
C GLY A 7 -0.70 -9.06 -7.34
N GLU A 8 0.47 -8.93 -6.71
CA GLU A 8 0.71 -7.83 -5.79
C GLU A 8 1.92 -7.01 -6.23
N SER A 9 2.11 -5.85 -5.61
CA SER A 9 3.22 -4.97 -5.93
C SER A 9 3.92 -4.49 -4.67
N LEU A 10 5.06 -3.83 -4.85
CA LEU A 10 5.84 -3.32 -3.72
C LEU A 10 6.07 -1.82 -3.87
N CYS A 11 6.07 -1.11 -2.74
CA CYS A 11 6.29 0.33 -2.74
C CYS A 11 7.55 0.70 -3.53
N PRO A 12 7.43 1.72 -4.39
CA PRO A 12 8.53 2.19 -5.22
C PRO A 12 9.62 2.88 -4.40
N GLN A 13 9.40 2.95 -3.09
CA GLN A 13 10.36 3.59 -2.19
C GLN A 13 10.71 2.68 -1.02
N HIS A 14 9.70 1.95 -0.53
CA HIS A 14 9.90 1.04 0.59
C HIS A 14 9.99 -0.40 0.10
N HIS A 15 9.58 -0.63 -1.14
CA HIS A 15 9.60 -1.96 -1.72
C HIS A 15 8.97 -2.98 -0.77
N GLU A 16 7.84 -2.60 -0.17
CA GLU A 16 7.14 -3.49 0.75
C GLU A 16 5.78 -3.88 0.21
N ALA A 17 5.24 -4.99 0.70
CA ALA A 17 3.94 -5.47 0.26
C ALA A 17 2.90 -4.36 0.30
N LEU A 18 2.32 -4.05 -0.86
CA LEU A 18 1.32 -3.00 -0.95
C LEU A 18 -0.07 -3.54 -0.59
N SER A 19 -0.54 -3.18 0.60
CA SER A 19 -1.85 -3.62 1.06
C SER A 19 -2.71 -2.45 1.50
N LEU A 20 -2.05 -1.39 1.97
CA LEU A 20 -2.75 -0.19 2.43
C LEU A 20 -2.94 0.79 1.28
N PHE A 21 -3.75 1.82 1.52
CA PHE A 21 -4.03 2.83 0.51
C PHE A 21 -4.20 4.21 1.15
N CYS A 22 -3.63 5.23 0.51
CA CYS A 22 -3.72 6.59 1.02
C CYS A 22 -4.86 7.34 0.34
N TYR A 23 -5.89 7.68 1.11
CA TYR A 23 -7.04 8.41 0.58
C TYR A 23 -6.70 9.89 0.37
N GLU A 24 -5.90 10.43 1.28
CA GLU A 24 -5.51 11.83 1.20
C GLU A 24 -4.72 12.10 -0.08
N ASP A 25 -3.94 11.12 -0.51
CA ASP A 25 -3.13 11.25 -1.71
C ASP A 25 -3.66 10.34 -2.81
N GLN A 26 -4.87 9.82 -2.62
CA GLN A 26 -5.49 8.93 -3.60
C GLN A 26 -4.43 8.06 -4.28
N GLU A 27 -3.61 7.38 -3.46
CA GLU A 27 -2.56 6.52 -3.99
C GLU A 27 -2.26 5.39 -3.01
N ALA A 28 -2.01 4.20 -3.54
CA ALA A 28 -1.69 3.04 -2.72
C ALA A 28 -0.46 3.29 -1.87
N VAL A 29 -0.33 2.54 -0.78
CA VAL A 29 0.81 2.66 0.12
C VAL A 29 1.24 1.31 0.67
N CYS A 30 2.23 1.33 1.56
CA CYS A 30 2.73 0.10 2.17
C CYS A 30 2.74 0.22 3.69
N LEU A 31 2.96 -0.91 4.36
CA LEU A 31 3.01 -0.94 5.81
C LEU A 31 3.84 0.20 6.36
N ILE A 32 5.05 0.34 5.84
CA ILE A 32 5.95 1.41 6.27
C ILE A 32 5.28 2.78 6.15
N CYS A 33 4.93 3.15 4.92
CA CYS A 33 4.28 4.43 4.66
C CYS A 33 3.34 4.80 5.81
N ALA A 34 2.35 3.93 6.06
CA ALA A 34 1.39 4.17 7.11
C ALA A 34 2.07 4.45 8.44
N ILE A 35 2.93 3.52 8.87
CA ILE A 35 3.66 3.67 10.12
C ILE A 35 4.89 4.56 9.94
N SER A 36 4.89 5.34 8.86
CA SER A 36 6.01 6.24 8.57
C SER A 36 5.53 7.67 8.42
N HIS A 37 6.46 8.61 8.51
CA HIS A 37 6.13 10.03 8.37
C HIS A 37 5.45 10.31 7.04
N THR A 38 6.05 9.80 5.96
CA THR A 38 5.50 10.00 4.62
C THR A 38 3.98 9.93 4.64
N HIS A 39 3.45 8.88 5.25
CA HIS A 39 2.00 8.69 5.33
C HIS A 39 1.58 8.32 6.75
N ARG A 40 1.63 9.30 7.65
CA ARG A 40 1.25 9.08 9.04
C ARG A 40 -0.13 9.65 9.33
N ALA A 41 -0.27 10.96 9.16
CA ALA A 41 -1.54 11.63 9.41
C ALA A 41 -2.58 11.24 8.35
N HIS A 42 -2.13 11.14 7.10
CA HIS A 42 -3.02 10.76 6.01
C HIS A 42 -3.98 9.66 6.43
N THR A 43 -5.16 9.64 5.82
CA THR A 43 -6.17 8.64 6.14
C THR A 43 -5.88 7.33 5.43
N VAL A 44 -5.00 6.51 6.01
CA VAL A 44 -4.64 5.23 5.42
C VAL A 44 -5.72 4.18 5.69
N VAL A 45 -6.12 3.47 4.64
CA VAL A 45 -7.14 2.44 4.76
C VAL A 45 -6.68 1.14 4.10
N PRO A 46 -7.06 0.00 4.72
CA PRO A 46 -6.70 -1.33 4.20
C PRO A 46 -7.44 -1.66 2.91
N LEU A 47 -6.72 -2.26 1.97
CA LEU A 47 -7.31 -2.64 0.69
C LEU A 47 -7.77 -4.08 0.70
N SER A 48 -8.40 -4.49 1.80
CA SER A 48 -8.89 -5.86 1.94
C SER A 48 -10.38 -5.88 2.25
N GLY A 49 -10.76 -5.28 3.38
CA GLY A 49 -12.15 -5.23 3.77
C GLY A 49 -12.48 -6.24 4.85
N PRO A 50 -13.78 -6.42 5.12
CA PRO A 50 -14.26 -7.36 6.14
C PRO A 50 -14.04 -8.81 5.73
N SER A 51 -14.45 -9.15 4.51
CA SER A 51 -14.30 -10.51 4.00
C SER A 51 -14.57 -11.53 5.10
N SER A 52 -15.60 -11.28 5.89
CA SER A 52 -15.97 -12.18 6.99
C SER A 52 -17.24 -12.94 6.66
N GLY A 53 -17.10 -14.24 6.41
CA GLY A 53 -18.25 -15.06 6.09
C GLY A 53 -18.90 -15.66 7.33
ZN ZN B . 5.76 2.88 1.21
ZN ZN C . -0.18 9.82 1.88
N GLY A 1 -6.79 -19.69 -17.22
CA GLY A 1 -7.21 -18.41 -17.77
C GLY A 1 -6.92 -17.26 -16.83
N SER A 2 -5.66 -17.12 -16.44
CA SER A 2 -5.25 -16.05 -15.54
C SER A 2 -4.51 -14.95 -16.28
N SER A 3 -4.64 -13.72 -15.81
CA SER A 3 -3.98 -12.58 -16.44
C SER A 3 -2.51 -12.52 -16.04
N GLY A 4 -1.65 -12.13 -16.99
CA GLY A 4 -0.23 -12.04 -16.72
C GLY A 4 0.06 -11.55 -15.31
N SER A 5 0.44 -12.47 -14.43
CA SER A 5 0.74 -12.12 -13.05
C SER A 5 2.19 -11.67 -12.90
N SER A 6 2.39 -10.54 -12.22
CA SER A 6 3.73 -10.00 -12.02
C SER A 6 4.04 -9.87 -10.53
N GLY A 7 4.78 -10.85 -10.00
CA GLY A 7 5.14 -10.83 -8.60
C GLY A 7 4.01 -10.33 -7.73
N GLU A 8 4.35 -9.46 -6.77
CA GLU A 8 3.36 -8.91 -5.86
C GLU A 8 3.58 -7.41 -5.66
N SER A 9 2.53 -6.72 -5.22
CA SER A 9 2.60 -5.28 -4.99
C SER A 9 3.75 -4.93 -4.05
N LEU A 10 4.54 -3.93 -4.43
CA LEU A 10 5.68 -3.51 -3.62
C LEU A 10 5.94 -2.02 -3.81
N CYS A 11 6.07 -1.30 -2.69
CA CYS A 11 6.34 0.13 -2.73
C CYS A 11 7.57 0.45 -3.57
N PRO A 12 7.45 1.44 -4.45
CA PRO A 12 8.55 1.86 -5.33
C PRO A 12 9.68 2.54 -4.57
N GLN A 13 9.54 2.60 -3.24
CA GLN A 13 10.56 3.22 -2.40
C GLN A 13 10.99 2.28 -1.28
N HIS A 14 10.03 1.54 -0.75
CA HIS A 14 10.31 0.59 0.33
C HIS A 14 10.24 -0.85 -0.18
N HIS A 15 9.54 -1.04 -1.29
CA HIS A 15 9.40 -2.37 -1.88
C HIS A 15 8.70 -3.32 -0.91
N GLU A 16 7.79 -2.77 -0.10
CA GLU A 16 7.06 -3.57 0.87
C GLU A 16 5.64 -3.86 0.38
N ALA A 17 5.10 -5.00 0.79
CA ALA A 17 3.75 -5.40 0.39
C ALA A 17 2.78 -4.24 0.56
N LEU A 18 2.14 -3.84 -0.54
CA LEU A 18 1.18 -2.74 -0.51
C LEU A 18 -0.21 -3.25 -0.12
N SER A 19 -0.46 -3.28 1.18
CA SER A 19 -1.75 -3.74 1.69
C SER A 19 -2.54 -2.58 2.29
N LEU A 20 -2.39 -1.40 1.70
CA LEU A 20 -3.08 -0.21 2.17
C LEU A 20 -3.28 0.80 1.05
N PHE A 21 -3.96 1.89 1.35
CA PHE A 21 -4.21 2.93 0.35
C PHE A 21 -4.65 4.24 1.04
N CYS A 22 -3.89 5.30 0.79
CA CYS A 22 -4.18 6.60 1.37
C CYS A 22 -5.19 7.37 0.51
N TYR A 23 -6.45 7.35 0.94
CA TYR A 23 -7.51 8.04 0.22
C TYR A 23 -7.21 9.54 0.10
N GLU A 24 -6.62 10.09 1.15
CA GLU A 24 -6.28 11.51 1.17
C GLU A 24 -5.40 11.88 -0.02
N ASP A 25 -4.37 11.08 -0.26
CA ASP A 25 -3.46 11.32 -1.37
C ASP A 25 -3.86 10.49 -2.60
N GLN A 26 -5.05 9.91 -2.54
CA GLN A 26 -5.54 9.10 -3.64
C GLN A 26 -4.43 8.23 -4.22
N GLU A 27 -3.61 7.65 -3.34
CA GLU A 27 -2.51 6.81 -3.77
C GLU A 27 -2.36 5.60 -2.85
N ALA A 28 -1.57 4.62 -3.29
CA ALA A 28 -1.34 3.42 -2.50
C ALA A 28 -0.09 3.55 -1.65
N VAL A 29 -0.14 2.97 -0.44
CA VAL A 29 1.01 3.02 0.46
C VAL A 29 1.31 1.65 1.04
N CYS A 30 2.47 1.51 1.66
CA CYS A 30 2.89 0.25 2.25
C CYS A 30 2.94 0.35 3.78
N LEU A 31 3.40 -0.72 4.42
CA LEU A 31 3.50 -0.74 5.87
C LEU A 31 4.33 0.44 6.38
N ILE A 32 5.60 0.47 6.01
CA ILE A 32 6.49 1.54 6.44
C ILE A 32 5.84 2.91 6.23
N CYS A 33 5.44 3.20 5.00
CA CYS A 33 4.80 4.47 4.68
C CYS A 33 3.79 4.85 5.75
N ALA A 34 2.99 3.89 6.17
CA ALA A 34 1.97 4.13 7.19
C ALA A 34 2.62 4.50 8.52
N ILE A 35 3.24 3.51 9.17
CA ILE A 35 3.90 3.74 10.45
C ILE A 35 4.76 5.00 10.41
N SER A 36 5.24 5.34 9.22
CA SER A 36 6.08 6.53 9.05
C SER A 36 5.27 7.80 9.22
N HIS A 37 5.92 8.87 9.66
CA HIS A 37 5.25 10.15 9.86
C HIS A 37 5.02 10.85 8.53
N THR A 38 4.49 10.11 7.56
CA THR A 38 4.22 10.66 6.23
C THR A 38 2.74 10.54 5.89
N HIS A 39 2.17 9.38 6.17
CA HIS A 39 0.75 9.14 5.88
C HIS A 39 0.02 8.68 7.14
N ARG A 40 0.44 9.18 8.29
CA ARG A 40 -0.17 8.83 9.56
C ARG A 40 -1.42 9.66 9.81
N ALA A 41 -1.29 10.97 9.65
CA ALA A 41 -2.42 11.88 9.86
C ALA A 41 -3.28 11.99 8.60
N HIS A 42 -3.33 10.90 7.84
CA HIS A 42 -4.12 10.88 6.60
C HIS A 42 -5.18 9.79 6.66
N THR A 43 -6.11 9.81 5.71
CA THR A 43 -7.18 8.83 5.65
C THR A 43 -6.72 7.56 4.94
N VAL A 44 -6.09 6.67 5.68
CA VAL A 44 -5.59 5.41 5.14
C VAL A 44 -6.63 4.30 5.27
N VAL A 45 -6.78 3.52 4.21
CA VAL A 45 -7.74 2.41 4.21
C VAL A 45 -7.15 1.16 3.59
N PRO A 46 -7.51 0.00 4.15
CA PRO A 46 -7.03 -1.30 3.65
C PRO A 46 -7.59 -1.65 2.29
N LEU A 47 -6.72 -2.06 1.37
CA LEU A 47 -7.12 -2.44 0.02
C LEU A 47 -7.65 -3.87 -0.01
N SER A 48 -8.49 -4.21 0.96
CA SER A 48 -9.06 -5.55 1.04
C SER A 48 -10.48 -5.57 0.49
N GLY A 49 -10.68 -4.87 -0.62
CA GLY A 49 -12.00 -4.81 -1.24
C GLY A 49 -12.60 -3.42 -1.22
N PRO A 50 -13.30 -3.06 -2.30
CA PRO A 50 -13.93 -1.74 -2.42
C PRO A 50 -15.12 -1.58 -1.47
N SER A 51 -15.06 -0.56 -0.62
CA SER A 51 -16.13 -0.30 0.33
C SER A 51 -16.63 -1.59 0.96
N SER A 52 -15.68 -2.46 1.32
CA SER A 52 -16.03 -3.75 1.94
C SER A 52 -14.97 -4.15 2.97
N GLY A 53 -15.42 -4.80 4.03
CA GLY A 53 -14.51 -5.23 5.08
C GLY A 53 -13.79 -6.52 4.73
ZN ZN B . 6.22 2.68 1.22
ZN ZN C . -1.39 10.34 2.68
N GLY A 1 5.22 -7.55 -21.66
CA GLY A 1 5.70 -7.91 -20.36
C GLY A 1 6.22 -6.72 -19.57
N SER A 2 7.16 -5.99 -20.16
CA SER A 2 7.74 -4.82 -19.50
C SER A 2 6.78 -3.64 -19.54
N SER A 3 6.85 -2.80 -18.52
CA SER A 3 5.98 -1.63 -18.44
C SER A 3 4.51 -2.04 -18.50
N GLY A 4 4.18 -3.11 -17.80
CA GLY A 4 2.81 -3.60 -17.79
C GLY A 4 2.53 -4.55 -16.65
N SER A 5 2.99 -5.79 -16.79
CA SER A 5 2.79 -6.81 -15.76
C SER A 5 3.36 -6.35 -14.42
N SER A 6 2.70 -6.74 -13.34
CA SER A 6 3.15 -6.36 -12.00
C SER A 6 3.42 -7.60 -11.15
N GLY A 7 2.50 -8.57 -11.22
CA GLY A 7 2.65 -9.78 -10.45
C GLY A 7 2.30 -9.60 -8.99
N GLU A 8 2.92 -8.62 -8.34
CA GLU A 8 2.67 -8.34 -6.94
C GLU A 8 2.97 -6.87 -6.61
N SER A 9 1.96 -6.18 -6.08
CA SER A 9 2.11 -4.78 -5.73
C SER A 9 3.17 -4.60 -4.64
N LEU A 10 4.09 -3.66 -4.87
CA LEU A 10 5.15 -3.39 -3.91
C LEU A 10 5.50 -1.91 -3.87
N CYS A 11 5.80 -1.41 -2.69
CA CYS A 11 6.15 0.01 -2.52
C CYS A 11 7.30 0.39 -3.47
N PRO A 12 7.13 1.55 -4.14
CA PRO A 12 8.14 2.06 -5.08
C PRO A 12 9.41 2.53 -4.38
N GLN A 13 9.40 2.47 -3.05
CA GLN A 13 10.53 2.90 -2.25
C GLN A 13 10.96 1.81 -1.27
N HIS A 14 9.98 1.09 -0.74
CA HIS A 14 10.26 0.01 0.21
C HIS A 14 10.16 -1.35 -0.47
N HIS A 15 9.47 -1.39 -1.61
CA HIS A 15 9.31 -2.64 -2.36
C HIS A 15 8.70 -3.72 -1.48
N GLU A 16 7.70 -3.35 -0.69
CA GLU A 16 7.04 -4.29 0.20
C GLU A 16 5.56 -4.43 -0.17
N ALA A 17 5.02 -5.63 0.01
CA ALA A 17 3.63 -5.90 -0.31
C ALA A 17 2.74 -4.73 0.10
N LEU A 18 2.03 -4.17 -0.88
CA LEU A 18 1.14 -3.04 -0.64
C LEU A 18 -0.23 -3.52 -0.19
N SER A 19 -0.54 -3.30 1.08
CA SER A 19 -1.82 -3.71 1.65
C SER A 19 -2.57 -2.52 2.21
N LEU A 20 -2.16 -1.32 1.81
CA LEU A 20 -2.79 -0.09 2.27
C LEU A 20 -2.99 0.90 1.13
N PHE A 21 -3.61 2.03 1.42
CA PHE A 21 -3.86 3.06 0.42
C PHE A 21 -4.42 4.32 1.06
N CYS A 22 -3.89 5.47 0.65
CA CYS A 22 -4.33 6.76 1.19
C CYS A 22 -5.52 7.29 0.41
N TYR A 23 -6.50 7.83 1.13
CA TYR A 23 -7.69 8.37 0.49
C TYR A 23 -7.48 9.83 0.10
N GLU A 24 -7.23 10.68 1.08
CA GLU A 24 -7.00 12.09 0.84
C GLU A 24 -6.02 12.31 -0.31
N ASP A 25 -4.87 11.64 -0.23
CA ASP A 25 -3.85 11.75 -1.26
C ASP A 25 -4.27 10.99 -2.52
N GLN A 26 -5.02 9.91 -2.33
CA GLN A 26 -5.48 9.10 -3.45
C GLN A 26 -4.32 8.34 -4.08
N GLU A 27 -3.50 7.72 -3.24
CA GLU A 27 -2.35 6.96 -3.73
C GLU A 27 -2.18 5.67 -2.93
N ALA A 28 -1.28 4.80 -3.40
CA ALA A 28 -1.03 3.53 -2.73
C ALA A 28 0.26 3.60 -1.90
N VAL A 29 0.21 3.04 -0.71
CA VAL A 29 1.37 3.02 0.18
C VAL A 29 1.53 1.67 0.87
N CYS A 30 2.55 1.55 1.70
CA CYS A 30 2.82 0.30 2.41
C CYS A 30 2.64 0.50 3.91
N LEU A 31 2.79 -0.59 4.66
CA LEU A 31 2.64 -0.53 6.12
C LEU A 31 3.79 0.24 6.76
N ILE A 32 4.92 0.29 6.06
CA ILE A 32 6.09 1.02 6.55
C ILE A 32 5.99 2.51 6.25
N CYS A 33 5.18 2.85 5.25
CA CYS A 33 5.00 4.24 4.87
C CYS A 33 4.02 4.94 5.81
N ALA A 34 2.96 4.23 6.19
CA ALA A 34 1.96 4.79 7.09
C ALA A 34 2.53 5.01 8.48
N ILE A 35 3.13 3.96 9.05
CA ILE A 35 3.71 4.04 10.38
C ILE A 35 4.80 5.11 10.43
N SER A 36 5.29 5.52 9.27
CA SER A 36 6.33 6.53 9.19
C SER A 36 5.74 7.93 9.32
N HIS A 37 4.79 8.08 10.25
CA HIS A 37 4.14 9.37 10.48
C HIS A 37 4.00 10.14 9.18
N THR A 38 3.57 9.45 8.12
CA THR A 38 3.39 10.08 6.82
C THR A 38 1.93 10.04 6.39
N HIS A 39 1.31 8.88 6.52
CA HIS A 39 -0.10 8.71 6.16
C HIS A 39 -0.93 8.28 7.36
N ARG A 40 -0.48 8.66 8.55
CA ARG A 40 -1.18 8.31 9.78
C ARG A 40 -2.35 9.26 10.03
N ALA A 41 -2.17 10.53 9.65
CA ALA A 41 -3.20 11.53 9.83
C ALA A 41 -4.28 11.40 8.75
N HIS A 42 -3.88 10.97 7.56
CA HIS A 42 -4.81 10.81 6.45
C HIS A 42 -5.68 9.57 6.65
N THR A 43 -6.59 9.34 5.71
CA THR A 43 -7.49 8.18 5.79
C THR A 43 -6.91 7.00 5.03
N VAL A 44 -6.01 6.28 5.68
CA VAL A 44 -5.38 5.10 5.06
C VAL A 44 -6.25 3.86 5.22
N VAL A 45 -6.62 3.25 4.11
CA VAL A 45 -7.45 2.06 4.13
C VAL A 45 -6.70 0.85 3.58
N PRO A 46 -6.96 -0.32 4.16
CA PRO A 46 -6.31 -1.58 3.75
C PRO A 46 -6.78 -2.04 2.37
N LEU A 47 -5.84 -2.27 1.47
CA LEU A 47 -6.16 -2.72 0.12
C LEU A 47 -6.42 -4.22 0.09
N SER A 48 -7.69 -4.60 0.19
CA SER A 48 -8.07 -6.00 0.17
C SER A 48 -8.93 -6.32 -1.05
N GLY A 49 -8.33 -6.99 -2.02
CA GLY A 49 -9.05 -7.35 -3.23
C GLY A 49 -10.02 -8.49 -3.01
N PRO A 50 -11.10 -8.53 -3.81
CA PRO A 50 -12.12 -9.56 -3.72
C PRO A 50 -11.61 -10.92 -4.18
N SER A 51 -10.37 -10.96 -4.67
CA SER A 51 -9.77 -12.20 -5.16
C SER A 51 -8.92 -12.84 -4.07
N SER A 52 -9.48 -13.85 -3.41
CA SER A 52 -8.77 -14.55 -2.34
C SER A 52 -7.85 -15.62 -2.92
N GLY A 53 -6.59 -15.60 -2.50
CA GLY A 53 -5.63 -16.57 -2.98
C GLY A 53 -5.87 -17.96 -2.41
ZN ZN B . 6.58 2.36 1.54
ZN ZN C . -1.59 10.36 2.81
N GLY A 1 11.07 -12.80 -25.60
CA GLY A 1 10.25 -13.39 -24.57
C GLY A 1 9.51 -12.35 -23.76
N SER A 2 8.23 -12.15 -24.09
CA SER A 2 7.41 -11.16 -23.39
C SER A 2 7.10 -11.63 -21.96
N SER A 3 6.94 -10.66 -21.07
CA SER A 3 6.64 -10.97 -19.67
C SER A 3 6.24 -9.70 -18.91
N GLY A 4 5.66 -9.89 -17.73
CA GLY A 4 5.23 -8.77 -16.92
C GLY A 4 4.24 -9.17 -15.84
N SER A 5 4.58 -10.21 -15.10
CA SER A 5 3.71 -10.69 -14.03
C SER A 5 4.41 -10.60 -12.68
N SER A 6 4.33 -9.43 -12.06
CA SER A 6 4.96 -9.20 -10.77
C SER A 6 4.42 -10.18 -9.72
N GLY A 7 3.09 -10.27 -9.64
CA GLY A 7 2.47 -11.17 -8.69
C GLY A 7 2.24 -10.52 -7.35
N GLU A 8 3.23 -9.77 -6.87
CA GLU A 8 3.12 -9.09 -5.58
C GLU A 8 3.74 -7.69 -5.66
N SER A 9 2.88 -6.68 -5.64
CA SER A 9 3.33 -5.29 -5.70
C SER A 9 4.16 -4.93 -4.47
N LEU A 10 5.08 -3.99 -4.64
CA LEU A 10 5.93 -3.55 -3.55
C LEU A 10 6.30 -2.07 -3.70
N CYS A 11 6.34 -1.35 -2.59
CA CYS A 11 6.68 0.06 -2.60
C CYS A 11 8.00 0.29 -3.32
N PRO A 12 8.02 1.31 -4.21
CA PRO A 12 9.20 1.66 -4.99
C PRO A 12 10.30 2.27 -4.12
N GLN A 13 10.02 2.42 -2.83
CA GLN A 13 10.98 2.99 -1.90
C GLN A 13 11.20 2.07 -0.71
N HIS A 14 10.12 1.44 -0.24
CA HIS A 14 10.19 0.53 0.89
C HIS A 14 10.23 -0.92 0.42
N HIS A 15 9.81 -1.14 -0.82
CA HIS A 15 9.79 -2.49 -1.39
C HIS A 15 9.01 -3.44 -0.49
N GLU A 16 7.88 -2.98 0.02
CA GLU A 16 7.05 -3.80 0.90
C GLU A 16 5.67 -4.03 0.29
N ALA A 17 5.05 -5.15 0.64
CA ALA A 17 3.73 -5.50 0.13
C ALA A 17 2.79 -4.30 0.20
N LEU A 18 2.29 -3.87 -0.95
CA LEU A 18 1.38 -2.73 -1.01
C LEU A 18 -0.06 -3.17 -0.70
N SER A 19 -0.37 -3.27 0.58
CA SER A 19 -1.70 -3.67 1.02
C SER A 19 -2.42 -2.53 1.71
N LEU A 20 -2.17 -1.31 1.24
CA LEU A 20 -2.79 -0.12 1.82
C LEU A 20 -3.04 0.94 0.75
N PHE A 21 -3.88 1.92 1.08
CA PHE A 21 -4.19 3.00 0.15
C PHE A 21 -4.59 4.26 0.89
N CYS A 22 -3.87 5.35 0.64
CA CYS A 22 -4.15 6.63 1.29
C CYS A 22 -5.51 7.17 0.86
N TYR A 23 -6.16 7.88 1.77
CA TYR A 23 -7.47 8.45 1.48
C TYR A 23 -7.36 9.92 1.07
N GLU A 24 -6.45 10.64 1.73
CA GLU A 24 -6.22 12.05 1.43
C GLU A 24 -5.41 12.22 0.17
N ASP A 25 -4.48 11.28 -0.07
CA ASP A 25 -3.63 11.33 -1.25
C ASP A 25 -4.26 10.54 -2.40
N GLN A 26 -5.13 9.60 -2.06
CA GLN A 26 -5.79 8.77 -3.07
C GLN A 26 -4.78 7.93 -3.84
N GLU A 27 -3.74 7.49 -3.15
CA GLU A 27 -2.70 6.68 -3.77
C GLU A 27 -2.43 5.41 -2.96
N ALA A 28 -1.98 4.36 -3.64
CA ALA A 28 -1.70 3.09 -3.00
C ALA A 28 -0.34 3.14 -2.28
N VAL A 29 -0.36 2.88 -0.98
CA VAL A 29 0.86 2.89 -0.18
C VAL A 29 1.10 1.53 0.47
N CYS A 30 2.26 1.39 1.11
CA CYS A 30 2.62 0.14 1.77
C CYS A 30 2.55 0.30 3.29
N LEU A 31 2.85 -0.78 4.00
CA LEU A 31 2.83 -0.76 5.47
C LEU A 31 3.76 0.32 6.01
N ILE A 32 5.01 0.28 5.57
CA ILE A 32 6.00 1.27 6.01
C ILE A 32 5.48 2.68 5.85
N CYS A 33 4.92 2.98 4.68
CA CYS A 33 4.38 4.31 4.40
C CYS A 33 3.42 4.74 5.50
N ALA A 34 2.49 3.88 5.85
CA ALA A 34 1.51 4.18 6.89
C ALA A 34 2.17 4.91 8.05
N ILE A 35 3.12 4.25 8.70
CA ILE A 35 3.84 4.84 9.84
C ILE A 35 5.09 5.57 9.37
N SER A 36 5.03 6.18 8.19
CA SER A 36 6.16 6.90 7.65
C SER A 36 5.96 8.41 7.78
N HIS A 37 7.07 9.13 7.92
CA HIS A 37 7.01 10.58 8.06
C HIS A 37 6.12 11.21 6.99
N THR A 38 6.26 10.70 5.76
CA THR A 38 5.48 11.22 4.64
C THR A 38 3.98 11.11 4.93
N HIS A 39 3.49 9.88 5.07
CA HIS A 39 2.08 9.64 5.35
C HIS A 39 1.86 9.38 6.84
N ARG A 40 2.52 10.16 7.67
CA ARG A 40 2.39 10.01 9.12
C ARG A 40 1.05 10.53 9.60
N ALA A 41 0.77 11.80 9.32
CA ALA A 41 -0.48 12.43 9.72
C ALA A 41 -1.54 12.30 8.64
N HIS A 42 -1.63 11.12 8.03
CA HIS A 42 -2.59 10.86 6.98
C HIS A 42 -3.51 9.71 7.35
N THR A 43 -4.64 9.59 6.64
CA THR A 43 -5.61 8.54 6.90
C THR A 43 -5.58 7.49 5.79
N VAL A 44 -4.84 6.41 6.01
CA VAL A 44 -4.74 5.34 5.04
C VAL A 44 -5.72 4.21 5.36
N VAL A 45 -6.33 3.66 4.31
CA VAL A 45 -7.28 2.56 4.47
C VAL A 45 -6.73 1.26 3.91
N PRO A 46 -7.06 0.14 4.58
CA PRO A 46 -6.61 -1.19 4.17
C PRO A 46 -7.29 -1.66 2.88
N LEU A 47 -6.48 -2.14 1.94
CA LEU A 47 -7.00 -2.62 0.66
C LEU A 47 -7.18 -4.13 0.68
N SER A 48 -8.07 -4.62 -0.17
CA SER A 48 -8.35 -6.05 -0.25
C SER A 48 -8.80 -6.60 1.10
N GLY A 49 -9.66 -5.84 1.78
CA GLY A 49 -10.14 -6.26 3.08
C GLY A 49 -11.10 -5.26 3.70
N PRO A 50 -11.84 -5.70 4.73
CA PRO A 50 -12.80 -4.84 5.43
C PRO A 50 -12.13 -3.75 6.24
N SER A 51 -12.49 -2.50 5.97
CA SER A 51 -11.91 -1.37 6.69
C SER A 51 -12.28 -1.41 8.16
N SER A 52 -11.25 -1.45 9.02
CA SER A 52 -11.47 -1.50 10.46
C SER A 52 -11.34 -0.11 11.08
N GLY A 53 -10.18 0.50 10.89
CA GLY A 53 -9.93 1.83 11.44
C GLY A 53 -10.94 2.85 10.94
ZN ZN B . 5.96 2.50 1.34
ZN ZN C . -0.94 9.85 2.68
N GLY A 1 7.72 -21.90 -20.12
CA GLY A 1 7.97 -21.50 -18.76
C GLY A 1 7.06 -20.38 -18.31
N SER A 2 6.15 -20.68 -17.39
CA SER A 2 5.20 -19.70 -16.89
C SER A 2 5.88 -18.79 -15.86
N SER A 3 5.84 -17.49 -16.13
CA SER A 3 6.45 -16.51 -15.23
C SER A 3 5.87 -15.12 -15.47
N GLY A 4 5.41 -14.49 -14.40
CA GLY A 4 4.84 -13.16 -14.50
C GLY A 4 3.33 -13.17 -14.40
N SER A 5 2.82 -13.74 -13.31
CA SER A 5 1.38 -13.82 -13.10
C SER A 5 1.00 -13.26 -11.73
N SER A 6 1.76 -13.64 -10.71
CA SER A 6 1.51 -13.17 -9.36
C SER A 6 1.59 -11.65 -9.27
N GLY A 7 0.44 -11.01 -9.09
CA GLY A 7 0.40 -9.56 -9.01
C GLY A 7 0.50 -9.06 -7.58
N GLU A 8 1.71 -8.73 -7.14
CA GLU A 8 1.93 -8.24 -5.79
C GLU A 8 2.53 -6.84 -5.81
N SER A 9 1.66 -5.83 -5.88
CA SER A 9 2.11 -4.45 -5.91
C SER A 9 3.13 -4.18 -4.80
N LEU A 10 4.00 -3.20 -5.03
CA LEU A 10 5.03 -2.85 -4.05
C LEU A 10 5.26 -1.33 -4.03
N CYS A 11 5.64 -0.81 -2.87
CA CYS A 11 5.90 0.61 -2.72
C CYS A 11 7.00 1.06 -3.67
N PRO A 12 6.77 2.20 -4.35
CA PRO A 12 7.74 2.77 -5.29
C PRO A 12 8.98 3.32 -4.59
N GLN A 13 9.02 3.17 -3.27
CA GLN A 13 10.16 3.65 -2.48
C GLN A 13 10.65 2.57 -1.53
N HIS A 14 9.71 1.89 -0.88
CA HIS A 14 10.06 0.83 0.07
C HIS A 14 9.95 -0.54 -0.60
N HIS A 15 9.29 -0.59 -1.76
CA HIS A 15 9.13 -1.84 -2.49
C HIS A 15 8.58 -2.93 -1.58
N GLU A 16 7.59 -2.57 -0.76
CA GLU A 16 6.98 -3.52 0.16
C GLU A 16 5.53 -3.81 -0.24
N ALA A 17 5.12 -5.07 -0.05
CA ALA A 17 3.77 -5.47 -0.40
C ALA A 17 2.75 -4.41 -0.03
N LEU A 18 2.12 -3.81 -1.03
CA LEU A 18 1.13 -2.77 -0.81
C LEU A 18 -0.22 -3.37 -0.41
N SER A 19 -0.67 -3.04 0.80
CA SER A 19 -1.94 -3.55 1.30
C SER A 19 -2.89 -2.41 1.66
N LEU A 20 -2.31 -1.30 2.12
CA LEU A 20 -3.10 -0.14 2.49
C LEU A 20 -3.14 0.89 1.36
N PHE A 21 -4.09 1.82 1.44
CA PHE A 21 -4.23 2.85 0.42
C PHE A 21 -4.56 4.19 1.06
N CYS A 22 -3.93 5.25 0.56
CA CYS A 22 -4.15 6.59 1.07
C CYS A 22 -5.12 7.36 0.18
N TYR A 23 -6.18 7.88 0.79
CA TYR A 23 -7.18 8.65 0.05
C TYR A 23 -6.73 10.09 -0.16
N GLU A 24 -5.92 10.59 0.76
CA GLU A 24 -5.41 11.95 0.68
C GLU A 24 -4.47 12.11 -0.52
N ASP A 25 -3.68 11.07 -0.78
CA ASP A 25 -2.74 11.10 -1.89
C ASP A 25 -3.20 10.18 -3.02
N GLN A 26 -4.47 9.78 -2.97
CA GLN A 26 -5.03 8.90 -3.97
C GLN A 26 -3.99 7.91 -4.48
N GLU A 27 -3.19 7.38 -3.56
CA GLU A 27 -2.14 6.43 -3.90
C GLU A 27 -2.09 5.27 -2.89
N ALA A 28 -1.23 4.30 -3.15
CA ALA A 28 -1.09 3.15 -2.27
C ALA A 28 0.14 3.29 -1.38
N VAL A 29 0.06 2.74 -0.18
CA VAL A 29 1.17 2.81 0.77
C VAL A 29 1.47 1.43 1.36
N CYS A 30 2.59 1.33 2.07
CA CYS A 30 2.99 0.07 2.68
C CYS A 30 3.01 0.18 4.21
N LEU A 31 3.24 -0.94 4.88
CA LEU A 31 3.27 -0.96 6.33
C LEU A 31 4.26 0.06 6.88
N ILE A 32 5.35 0.27 6.13
CA ILE A 32 6.38 1.22 6.53
C ILE A 32 5.85 2.66 6.45
N CYS A 33 5.23 2.98 5.32
CA CYS A 33 4.68 4.32 5.12
C CYS A 33 3.69 4.68 6.21
N ALA A 34 2.77 3.77 6.50
CA ALA A 34 1.76 3.99 7.53
C ALA A 34 2.40 4.45 8.84
N ILE A 35 3.30 3.62 9.37
CA ILE A 35 3.99 3.94 10.61
C ILE A 35 4.89 5.16 10.45
N SER A 36 5.30 5.41 9.20
CA SER A 36 6.18 6.54 8.90
C SER A 36 5.43 7.87 9.07
N HIS A 37 6.17 8.93 9.35
CA HIS A 37 5.58 10.25 9.53
C HIS A 37 5.28 10.90 8.18
N THR A 38 4.64 10.15 7.29
CA THR A 38 4.29 10.65 5.97
C THR A 38 2.83 10.39 5.65
N HIS A 39 2.39 9.16 5.87
CA HIS A 39 1.00 8.79 5.60
C HIS A 39 0.36 8.17 6.84
N ARG A 40 0.71 8.70 8.01
CA ARG A 40 0.17 8.21 9.27
C ARG A 40 -1.22 8.78 9.52
N ALA A 41 -1.29 10.11 9.64
CA ALA A 41 -2.56 10.78 9.90
C ALA A 41 -3.48 10.67 8.68
N HIS A 42 -2.92 10.84 7.49
CA HIS A 42 -3.70 10.75 6.26
C HIS A 42 -4.70 9.61 6.34
N THR A 43 -5.73 9.67 5.48
CA THR A 43 -6.75 8.64 5.45
C THR A 43 -6.24 7.37 4.80
N VAL A 44 -6.21 6.29 5.57
CA VAL A 44 -5.74 5.00 5.07
C VAL A 44 -6.80 3.93 5.25
N VAL A 45 -6.95 3.07 4.24
CA VAL A 45 -7.93 1.99 4.28
C VAL A 45 -7.33 0.68 3.78
N PRO A 46 -7.71 -0.43 4.43
CA PRO A 46 -7.22 -1.76 4.06
C PRO A 46 -7.77 -2.23 2.72
N LEU A 47 -6.87 -2.61 1.82
CA LEU A 47 -7.25 -3.08 0.49
C LEU A 47 -7.49 -4.58 0.50
N SER A 48 -6.60 -5.31 1.15
CA SER A 48 -6.70 -6.77 1.23
C SER A 48 -6.37 -7.26 2.63
N GLY A 49 -7.15 -8.22 3.11
CA GLY A 49 -6.93 -8.77 4.44
C GLY A 49 -8.22 -9.05 5.18
N PRO A 50 -8.15 -9.03 6.52
CA PRO A 50 -9.32 -9.28 7.38
C PRO A 50 -10.34 -8.16 7.31
N SER A 51 -11.42 -8.29 8.07
CA SER A 51 -12.47 -7.29 8.10
C SER A 51 -13.26 -7.34 9.40
N SER A 52 -13.60 -6.19 9.94
CA SER A 52 -14.34 -6.10 11.20
C SER A 52 -15.74 -6.72 11.03
N GLY A 53 -15.97 -7.81 11.76
CA GLY A 53 -17.26 -8.48 11.69
C GLY A 53 -17.91 -8.62 13.06
ZN ZN B . 6.05 2.67 1.55
ZN ZN C . -1.17 10.24 2.26
N GLY A 1 12.15 -9.70 -21.16
CA GLY A 1 11.57 -9.88 -19.85
C GLY A 1 10.38 -10.81 -19.86
N SER A 2 9.55 -10.73 -18.82
CA SER A 2 8.36 -11.57 -18.70
C SER A 2 7.12 -10.72 -18.52
N SER A 3 5.95 -11.36 -18.64
CA SER A 3 4.68 -10.66 -18.49
C SER A 3 4.14 -10.80 -17.07
N GLY A 4 3.81 -9.67 -16.46
CA GLY A 4 3.30 -9.69 -15.10
C GLY A 4 3.30 -8.32 -14.45
N SER A 5 2.28 -7.53 -14.74
CA SER A 5 2.16 -6.18 -14.19
C SER A 5 1.12 -6.13 -13.08
N SER A 6 -0.03 -6.74 -13.33
CA SER A 6 -1.12 -6.76 -12.37
C SER A 6 -1.06 -8.01 -11.50
N GLY A 7 -1.29 -7.85 -10.20
CA GLY A 7 -1.25 -8.97 -9.29
C GLY A 7 -0.50 -8.66 -8.01
N GLU A 8 0.73 -8.18 -8.16
CA GLU A 8 1.56 -7.85 -7.00
C GLU A 8 2.17 -6.45 -7.15
N SER A 9 2.25 -5.72 -6.04
CA SER A 9 2.81 -4.37 -6.05
C SER A 9 3.60 -4.10 -4.79
N LEU A 10 4.74 -3.44 -4.94
CA LEU A 10 5.59 -3.11 -3.79
C LEU A 10 6.00 -1.64 -3.82
N CYS A 11 6.03 -1.01 -2.65
CA CYS A 11 6.39 0.39 -2.53
C CYS A 11 7.57 0.72 -3.45
N PRO A 12 7.42 1.81 -4.21
CA PRO A 12 8.47 2.26 -5.15
C PRO A 12 9.70 2.80 -4.43
N GLN A 13 9.66 2.78 -3.10
CA GLN A 13 10.77 3.27 -2.31
C GLN A 13 11.14 2.26 -1.21
N HIS A 14 10.13 1.62 -0.66
CA HIS A 14 10.34 0.63 0.41
C HIS A 14 10.21 -0.79 -0.14
N HIS A 15 9.64 -0.91 -1.34
CA HIS A 15 9.46 -2.22 -1.97
C HIS A 15 8.71 -3.16 -1.05
N GLU A 16 7.87 -2.59 -0.18
CA GLU A 16 7.09 -3.40 0.76
C GLU A 16 5.69 -3.66 0.22
N ALA A 17 5.18 -4.85 0.48
CA ALA A 17 3.84 -5.22 0.03
C ALA A 17 2.84 -4.09 0.27
N LEU A 18 2.18 -3.65 -0.80
CA LEU A 18 1.21 -2.58 -0.70
C LEU A 18 -0.17 -3.11 -0.30
N SER A 19 -0.46 -3.06 0.99
CA SER A 19 -1.74 -3.55 1.51
C SER A 19 -2.53 -2.41 2.13
N LEU A 20 -2.35 -1.21 1.62
CA LEU A 20 -3.06 -0.03 2.12
C LEU A 20 -3.27 0.99 1.02
N PHE A 21 -4.12 1.98 1.29
CA PHE A 21 -4.42 3.02 0.32
C PHE A 21 -4.81 4.32 1.02
N CYS A 22 -4.23 5.43 0.57
CA CYS A 22 -4.52 6.74 1.15
C CYS A 22 -5.49 7.52 0.27
N TYR A 23 -6.49 8.12 0.90
CA TYR A 23 -7.49 8.90 0.17
C TYR A 23 -6.96 10.30 -0.13
N GLU A 24 -6.72 11.08 0.93
CA GLU A 24 -6.23 12.44 0.79
C GLU A 24 -5.22 12.53 -0.35
N ASP A 25 -4.45 11.47 -0.55
CA ASP A 25 -3.45 11.43 -1.62
C ASP A 25 -3.90 10.51 -2.74
N GLN A 26 -4.90 9.67 -2.47
CA GLN A 26 -5.41 8.74 -3.46
C GLN A 26 -4.30 7.91 -4.07
N GLU A 27 -3.40 7.43 -3.22
CA GLU A 27 -2.28 6.61 -3.67
C GLU A 27 -2.17 5.33 -2.85
N ALA A 28 -1.45 4.35 -3.38
CA ALA A 28 -1.27 3.08 -2.69
C ALA A 28 0.02 3.06 -1.89
N VAL A 29 -0.11 2.98 -0.58
CA VAL A 29 1.05 2.95 0.31
C VAL A 29 1.34 1.54 0.81
N CYS A 30 2.36 1.41 1.64
CA CYS A 30 2.75 0.11 2.19
C CYS A 30 2.71 0.14 3.71
N LEU A 31 3.03 -0.99 4.33
CA LEU A 31 3.05 -1.11 5.78
C LEU A 31 3.97 -0.06 6.40
N ILE A 32 5.13 0.15 5.76
CA ILE A 32 6.10 1.13 6.25
C ILE A 32 5.52 2.53 6.22
N CYS A 33 5.22 3.01 5.02
CA CYS A 33 4.66 4.36 4.84
C CYS A 33 3.63 4.66 5.92
N ALA A 34 2.77 3.68 6.21
CA ALA A 34 1.74 3.84 7.22
C ALA A 34 2.35 4.20 8.58
N ILE A 35 3.45 3.52 8.91
CA ILE A 35 4.12 3.76 10.18
C ILE A 35 5.35 4.66 9.99
N SER A 36 5.37 5.38 8.88
CA SER A 36 6.49 6.28 8.58
C SER A 36 6.06 7.74 8.71
N HIS A 37 5.23 8.02 9.70
CA HIS A 37 4.75 9.38 9.94
C HIS A 37 4.50 10.10 8.62
N THR A 38 4.03 9.35 7.62
CA THR A 38 3.75 9.92 6.31
C THR A 38 2.25 9.93 6.02
N HIS A 39 1.61 8.80 6.27
CA HIS A 39 0.18 8.68 6.03
C HIS A 39 -0.56 8.33 7.32
N ARG A 40 -0.04 8.83 8.44
CA ARG A 40 -0.65 8.56 9.74
C ARG A 40 -1.90 9.41 9.95
N ALA A 41 -1.79 10.70 9.63
CA ALA A 41 -2.91 11.62 9.78
C ALA A 41 -3.93 11.43 8.65
N HIS A 42 -3.43 11.20 7.44
CA HIS A 42 -4.30 10.99 6.29
C HIS A 42 -5.29 9.86 6.55
N THR A 43 -6.15 9.59 5.57
CA THR A 43 -7.14 8.53 5.69
C THR A 43 -6.71 7.29 4.93
N VAL A 44 -5.98 6.40 5.61
CA VAL A 44 -5.51 5.17 4.99
C VAL A 44 -6.46 4.02 5.26
N VAL A 45 -6.82 3.28 4.21
CA VAL A 45 -7.72 2.15 4.34
C VAL A 45 -7.04 0.85 3.90
N PRO A 46 -7.38 -0.25 4.60
CA PRO A 46 -6.83 -1.57 4.31
C PRO A 46 -7.32 -2.13 2.98
N LEU A 47 -6.39 -2.38 2.07
CA LEU A 47 -6.74 -2.93 0.76
C LEU A 47 -6.92 -4.44 0.82
N SER A 48 -8.17 -4.89 0.73
CA SER A 48 -8.48 -6.32 0.79
C SER A 48 -9.64 -6.65 -0.14
N GLY A 49 -9.92 -7.94 -0.29
CA GLY A 49 -11.00 -8.37 -1.15
C GLY A 49 -12.34 -7.80 -0.72
N PRO A 50 -13.17 -8.63 -0.08
CA PRO A 50 -14.50 -8.22 0.39
C PRO A 50 -14.43 -7.23 1.55
N SER A 51 -15.01 -6.06 1.36
CA SER A 51 -15.00 -5.03 2.39
C SER A 51 -15.95 -5.39 3.53
N SER A 52 -15.40 -5.94 4.60
CA SER A 52 -16.20 -6.34 5.75
C SER A 52 -15.81 -5.54 6.99
N GLY A 53 -14.50 -5.49 7.26
CA GLY A 53 -14.02 -4.76 8.42
C GLY A 53 -12.54 -4.46 8.33
ZN ZN B . 6.27 2.50 1.63
ZN ZN C . -1.51 10.25 2.43
N GLY A 1 19.51 -10.22 -8.34
CA GLY A 1 19.81 -11.47 -7.66
C GLY A 1 18.93 -12.61 -8.13
N SER A 2 19.41 -13.84 -7.98
CA SER A 2 18.66 -15.01 -8.40
C SER A 2 17.20 -14.89 -7.99
N SER A 3 16.36 -14.50 -8.95
CA SER A 3 14.92 -14.34 -8.70
C SER A 3 14.16 -14.11 -9.99
N GLY A 4 13.13 -14.92 -10.23
CA GLY A 4 12.33 -14.77 -11.43
C GLY A 4 10.86 -15.00 -11.19
N SER A 5 10.19 -13.98 -10.64
CA SER A 5 8.76 -14.09 -10.35
C SER A 5 8.16 -12.70 -10.15
N SER A 6 6.83 -12.63 -10.18
CA SER A 6 6.13 -11.37 -10.00
C SER A 6 5.72 -11.18 -8.55
N GLY A 7 5.12 -12.21 -7.97
CA GLY A 7 4.69 -12.14 -6.59
C GLY A 7 3.51 -11.20 -6.40
N GLU A 8 3.79 -10.02 -5.86
CA GLU A 8 2.75 -9.03 -5.63
C GLU A 8 3.31 -7.62 -5.72
N SER A 9 2.42 -6.62 -5.79
CA SER A 9 2.83 -5.23 -5.88
C SER A 9 3.66 -4.83 -4.67
N LEU A 10 4.54 -3.85 -4.87
CA LEU A 10 5.39 -3.37 -3.79
C LEU A 10 5.65 -1.86 -3.92
N CYS A 11 5.92 -1.22 -2.80
CA CYS A 11 6.19 0.22 -2.79
C CYS A 11 7.44 0.56 -3.60
N PRO A 12 7.33 1.58 -4.45
CA PRO A 12 8.44 2.03 -5.30
C PRO A 12 9.56 2.68 -4.50
N GLN A 13 9.36 2.78 -3.18
CA GLN A 13 10.35 3.39 -2.30
C GLN A 13 10.80 2.40 -1.22
N HIS A 14 9.85 1.59 -0.74
CA HIS A 14 10.15 0.61 0.29
C HIS A 14 10.21 -0.79 -0.30
N HIS A 15 9.45 -1.01 -1.37
CA HIS A 15 9.42 -2.31 -2.03
C HIS A 15 8.78 -3.36 -1.14
N GLU A 16 7.89 -2.91 -0.25
CA GLU A 16 7.21 -3.81 0.67
C GLU A 16 5.80 -4.12 0.19
N ALA A 17 5.23 -5.20 0.69
CA ALA A 17 3.88 -5.61 0.31
C ALA A 17 2.90 -4.45 0.46
N LEU A 18 2.27 -4.07 -0.65
CA LEU A 18 1.31 -2.98 -0.65
C LEU A 18 -0.08 -3.48 -0.27
N SER A 19 -0.45 -3.27 0.99
CA SER A 19 -1.76 -3.69 1.48
C SER A 19 -2.52 -2.52 2.08
N LEU A 20 -2.20 -1.31 1.64
CA LEU A 20 -2.85 -0.10 2.14
C LEU A 20 -3.04 0.91 1.01
N PHE A 21 -3.94 1.87 1.24
CA PHE A 21 -4.22 2.89 0.25
C PHE A 21 -4.54 4.22 0.92
N CYS A 22 -3.68 5.22 0.70
CA CYS A 22 -3.88 6.54 1.28
C CYS A 22 -4.95 7.31 0.55
N TYR A 23 -6.13 7.42 1.17
CA TYR A 23 -7.25 8.14 0.57
C TYR A 23 -6.91 9.61 0.36
N GLU A 24 -6.23 10.20 1.34
CA GLU A 24 -5.85 11.60 1.27
C GLU A 24 -5.05 11.89 0.00
N ASP A 25 -3.91 11.21 -0.13
CA ASP A 25 -3.06 11.39 -1.30
C ASP A 25 -3.55 10.54 -2.47
N GLN A 26 -4.74 9.97 -2.33
CA GLN A 26 -5.33 9.14 -3.36
C GLN A 26 -4.26 8.31 -4.05
N GLU A 27 -3.44 7.63 -3.26
CA GLU A 27 -2.37 6.79 -3.78
C GLU A 27 -2.13 5.58 -2.89
N ALA A 28 -1.62 4.51 -3.48
CA ALA A 28 -1.34 3.28 -2.73
C ALA A 28 -0.06 3.43 -1.91
N VAL A 29 -0.05 2.82 -0.73
CA VAL A 29 1.12 2.87 0.15
C VAL A 29 1.37 1.52 0.81
N CYS A 30 2.48 1.43 1.54
CA CYS A 30 2.84 0.19 2.23
C CYS A 30 2.72 0.36 3.74
N LEU A 31 2.87 -0.75 4.46
CA LEU A 31 2.78 -0.72 5.92
C LEU A 31 3.76 0.29 6.51
N ILE A 32 4.93 0.40 5.89
CA ILE A 32 5.94 1.34 6.36
C ILE A 32 5.50 2.79 6.16
N CYS A 33 4.91 3.06 5.00
CA CYS A 33 4.43 4.41 4.69
C CYS A 33 3.40 4.87 5.71
N ALA A 34 2.43 3.99 6.00
CA ALA A 34 1.38 4.32 6.96
C ALA A 34 1.98 4.73 8.31
N ILE A 35 2.78 3.84 8.88
CA ILE A 35 3.41 4.12 10.17
C ILE A 35 4.30 5.35 10.10
N SER A 36 4.79 5.65 8.90
CA SER A 36 5.66 6.80 8.69
C SER A 36 4.89 8.11 8.93
N HIS A 37 5.50 9.02 9.68
CA HIS A 37 4.88 10.31 9.97
C HIS A 37 4.38 10.98 8.69
N THR A 38 5.00 10.63 7.57
CA THR A 38 4.62 11.20 6.29
C THR A 38 3.14 10.93 5.97
N HIS A 39 2.67 9.77 6.40
CA HIS A 39 1.27 9.39 6.17
C HIS A 39 0.61 8.97 7.46
N ARG A 40 0.39 9.94 8.35
CA ARG A 40 -0.24 9.65 9.65
C ARG A 40 -1.60 10.35 9.74
N ALA A 41 -1.63 11.63 9.39
CA ALA A 41 -2.86 12.41 9.45
C ALA A 41 -3.83 11.97 8.34
N HIS A 42 -3.28 11.50 7.23
CA HIS A 42 -4.08 11.05 6.11
C HIS A 42 -4.98 9.88 6.50
N THR A 43 -5.99 9.61 5.69
CA THR A 43 -6.91 8.51 5.96
C THR A 43 -6.54 7.27 5.16
N VAL A 44 -5.58 6.50 5.67
CA VAL A 44 -5.14 5.28 5.01
C VAL A 44 -6.12 4.14 5.26
N VAL A 45 -6.56 3.52 4.17
CA VAL A 45 -7.51 2.40 4.26
C VAL A 45 -6.87 1.11 3.79
N PRO A 46 -7.22 0.00 4.45
CA PRO A 46 -6.70 -1.33 4.11
C PRO A 46 -7.23 -1.84 2.78
N LEU A 47 -6.32 -2.35 1.95
CA LEU A 47 -6.69 -2.87 0.63
C LEU A 47 -6.92 -4.38 0.70
N SER A 48 -6.18 -5.05 1.58
CA SER A 48 -6.31 -6.50 1.74
C SER A 48 -7.77 -6.92 1.70
N GLY A 49 -8.01 -8.14 1.21
CA GLY A 49 -9.36 -8.66 1.13
C GLY A 49 -10.01 -8.81 2.50
N PRO A 50 -10.09 -10.06 2.98
CA PRO A 50 -10.69 -10.36 4.28
C PRO A 50 -9.84 -9.86 5.44
N SER A 51 -10.27 -8.77 6.07
CA SER A 51 -9.53 -8.20 7.19
C SER A 51 -10.48 -7.85 8.33
N SER A 52 -10.91 -8.87 9.08
CA SER A 52 -11.82 -8.67 10.19
C SER A 52 -11.10 -8.03 11.38
N GLY A 53 -9.92 -8.55 11.71
CA GLY A 53 -9.15 -8.02 12.81
C GLY A 53 -9.74 -8.40 14.16
ZN ZN B . 6.02 2.75 1.26
ZN ZN C . -0.73 10.02 2.49
N GLY A 1 15.14 -10.86 -20.78
CA GLY A 1 14.09 -9.87 -20.57
C GLY A 1 14.64 -8.53 -20.11
N SER A 2 13.80 -7.51 -20.16
CA SER A 2 14.20 -6.16 -19.76
C SER A 2 13.21 -5.58 -18.75
N SER A 3 11.93 -5.60 -19.11
CA SER A 3 10.89 -5.06 -18.24
C SER A 3 10.53 -6.06 -17.15
N GLY A 4 10.11 -7.25 -17.55
CA GLY A 4 9.75 -8.28 -16.59
C GLY A 4 8.47 -7.95 -15.85
N SER A 5 7.48 -8.82 -15.96
CA SER A 5 6.19 -8.62 -15.29
C SER A 5 6.35 -8.70 -13.78
N SER A 6 5.27 -8.41 -13.06
CA SER A 6 5.29 -8.46 -11.60
C SER A 6 4.24 -9.44 -11.08
N GLY A 7 4.49 -9.98 -9.88
CA GLY A 7 3.56 -10.92 -9.29
C GLY A 7 2.82 -10.34 -8.10
N GLU A 8 3.53 -9.60 -7.26
CA GLU A 8 2.92 -9.00 -6.08
C GLU A 8 3.32 -7.52 -5.97
N SER A 9 2.33 -6.67 -5.72
CA SER A 9 2.56 -5.23 -5.60
C SER A 9 3.58 -4.95 -4.50
N LEU A 10 4.43 -3.96 -4.73
CA LEU A 10 5.46 -3.58 -3.77
C LEU A 10 5.80 -2.10 -3.88
N CYS A 11 5.96 -1.45 -2.72
CA CYS A 11 6.29 -0.03 -2.69
C CYS A 11 7.55 0.26 -3.49
N PRO A 12 7.51 1.30 -4.32
CA PRO A 12 8.65 1.71 -5.15
C PRO A 12 9.79 2.30 -4.33
N GLN A 13 9.58 2.38 -3.01
CA GLN A 13 10.59 2.92 -2.11
C GLN A 13 10.94 1.93 -1.03
N HIS A 14 9.93 1.23 -0.52
CA HIS A 14 10.12 0.24 0.53
C HIS A 14 10.15 -1.17 -0.05
N HIS A 15 9.57 -1.33 -1.23
CA HIS A 15 9.52 -2.63 -1.90
C HIS A 15 8.86 -3.67 -1.00
N GLU A 16 7.78 -3.27 -0.34
CA GLU A 16 7.04 -4.16 0.55
C GLU A 16 5.59 -4.31 0.11
N ALA A 17 5.06 -5.52 0.23
CA ALA A 17 3.68 -5.79 -0.16
C ALA A 17 2.79 -4.58 0.11
N LEU A 18 2.11 -4.11 -0.92
CA LEU A 18 1.22 -2.95 -0.80
C LEU A 18 -0.19 -3.39 -0.42
N SER A 19 -0.49 -3.36 0.88
CA SER A 19 -1.79 -3.76 1.37
C SER A 19 -2.49 -2.59 2.07
N LEU A 20 -2.23 -1.38 1.58
CA LEU A 20 -2.82 -0.19 2.16
C LEU A 20 -3.03 0.88 1.10
N PHE A 21 -3.77 1.93 1.46
CA PHE A 21 -4.04 3.03 0.53
C PHE A 21 -4.41 4.29 1.29
N CYS A 22 -3.93 5.44 0.82
CA CYS A 22 -4.22 6.72 1.45
C CYS A 22 -5.32 7.46 0.69
N TYR A 23 -6.34 7.90 1.42
CA TYR A 23 -7.45 8.63 0.82
C TYR A 23 -7.08 10.08 0.54
N GLU A 24 -6.53 10.74 1.55
CA GLU A 24 -6.13 12.14 1.41
C GLU A 24 -5.16 12.31 0.24
N ASP A 25 -4.22 11.38 0.12
CA ASP A 25 -3.23 11.43 -0.95
C ASP A 25 -3.77 10.75 -2.22
N GLN A 26 -4.87 10.03 -2.07
CA GLN A 26 -5.49 9.33 -3.20
C GLN A 26 -4.46 8.48 -3.93
N GLU A 27 -3.68 7.71 -3.17
CA GLU A 27 -2.66 6.85 -3.75
C GLU A 27 -2.44 5.60 -2.90
N ALA A 28 -1.69 4.65 -3.44
CA ALA A 28 -1.41 3.41 -2.72
C ALA A 28 -0.10 3.51 -1.94
N VAL A 29 -0.07 2.87 -0.77
CA VAL A 29 1.12 2.89 0.06
C VAL A 29 1.33 1.55 0.76
N CYS A 30 2.42 1.43 1.50
CA CYS A 30 2.73 0.20 2.22
C CYS A 30 2.59 0.39 3.73
N LEU A 31 2.95 -0.64 4.49
CA LEU A 31 2.87 -0.58 5.94
C LEU A 31 3.82 0.47 6.50
N ILE A 32 5.02 0.54 5.92
CA ILE A 32 6.02 1.49 6.36
C ILE A 32 5.55 2.93 6.13
N CYS A 33 4.96 3.17 4.96
CA CYS A 33 4.47 4.49 4.62
C CYS A 33 3.31 4.89 5.52
N ALA A 34 2.36 3.98 5.70
CA ALA A 34 1.20 4.23 6.54
C ALA A 34 1.60 4.92 7.84
N ILE A 35 2.80 4.60 8.32
CA ILE A 35 3.30 5.19 9.56
C ILE A 35 4.56 6.02 9.30
N SER A 36 4.55 6.77 8.20
CA SER A 36 5.69 7.61 7.84
C SER A 36 5.38 9.08 8.09
N HIS A 37 6.37 9.81 8.59
CA HIS A 37 6.20 11.23 8.88
C HIS A 37 5.33 11.90 7.81
N THR A 38 5.61 11.59 6.55
CA THR A 38 4.85 12.15 5.45
C THR A 38 3.38 11.75 5.51
N HIS A 39 3.15 10.46 5.73
CA HIS A 39 1.78 9.94 5.81
C HIS A 39 1.38 9.70 7.27
N ARG A 40 1.70 10.67 8.12
CA ARG A 40 1.38 10.57 9.54
C ARG A 40 -0.04 11.07 9.81
N ALA A 41 -0.69 10.50 10.82
CA ALA A 41 -2.05 10.89 11.18
C ALA A 41 -2.91 11.06 9.94
N HIS A 42 -2.79 10.13 9.00
CA HIS A 42 -3.57 10.18 7.77
C HIS A 42 -4.66 9.11 7.77
N THR A 43 -5.50 9.13 6.75
CA THR A 43 -6.59 8.17 6.64
C THR A 43 -6.24 7.06 5.64
N VAL A 44 -5.54 6.05 6.12
CA VAL A 44 -5.14 4.92 5.29
C VAL A 44 -6.06 3.73 5.48
N VAL A 45 -6.28 2.97 4.41
CA VAL A 45 -7.14 1.80 4.48
C VAL A 45 -6.50 0.61 3.77
N PRO A 46 -6.73 -0.60 4.31
CA PRO A 46 -6.19 -1.83 3.74
C PRO A 46 -6.85 -2.20 2.42
N LEU A 47 -6.03 -2.55 1.43
CA LEU A 47 -6.53 -2.92 0.12
C LEU A 47 -6.74 -4.43 0.02
N SER A 48 -7.65 -4.84 -0.86
CA SER A 48 -7.95 -6.25 -1.05
C SER A 48 -6.91 -6.92 -1.93
N GLY A 49 -6.60 -8.18 -1.63
CA GLY A 49 -5.61 -8.90 -2.41
C GLY A 49 -5.31 -10.28 -1.84
N PRO A 50 -4.06 -10.72 -2.00
CA PRO A 50 -3.62 -12.03 -1.50
C PRO A 50 -3.54 -12.07 0.02
N SER A 51 -4.11 -13.12 0.61
CA SER A 51 -4.12 -13.28 2.06
C SER A 51 -2.70 -13.40 2.59
N SER A 52 -2.55 -13.30 3.91
CA SER A 52 -1.25 -13.40 4.55
C SER A 52 -1.10 -14.73 5.30
N GLY A 53 -0.38 -15.66 4.68
CA GLY A 53 -0.17 -16.95 5.31
C GLY A 53 0.27 -16.84 6.75
ZN ZN B . 6.18 2.54 1.34
ZN ZN C . -1.25 9.94 3.34
N GLY A 1 0.66 -14.76 -23.61
CA GLY A 1 -0.10 -14.44 -22.41
C GLY A 1 0.77 -14.34 -21.17
N SER A 2 1.38 -13.16 -20.98
CA SER A 2 2.25 -12.93 -19.84
C SER A 2 1.58 -13.36 -18.54
N SER A 3 2.39 -13.56 -17.50
CA SER A 3 1.86 -13.98 -16.20
C SER A 3 1.08 -12.84 -15.54
N GLY A 4 0.22 -13.21 -14.60
CA GLY A 4 -0.59 -12.21 -13.91
C GLY A 4 -0.41 -12.29 -12.41
N SER A 5 -0.60 -11.15 -11.73
CA SER A 5 -0.46 -11.09 -10.28
C SER A 5 0.66 -12.01 -9.81
N SER A 6 1.77 -12.02 -10.55
CA SER A 6 2.91 -12.86 -10.21
C SER A 6 3.71 -12.24 -9.05
N GLY A 7 3.92 -10.94 -9.12
CA GLY A 7 4.66 -10.25 -8.08
C GLY A 7 3.82 -9.23 -7.34
N GLU A 8 3.22 -9.66 -6.23
CA GLU A 8 2.38 -8.78 -5.43
C GLU A 8 2.93 -7.35 -5.43
N SER A 9 2.12 -6.41 -5.91
CA SER A 9 2.52 -5.01 -5.98
C SER A 9 3.38 -4.64 -4.77
N LEU A 10 4.31 -3.71 -4.99
CA LEU A 10 5.19 -3.26 -3.92
C LEU A 10 5.41 -1.76 -3.98
N CYS A 11 5.63 -1.15 -2.82
CA CYS A 11 5.84 0.30 -2.74
C CYS A 11 7.01 0.72 -3.62
N PRO A 12 6.81 1.79 -4.39
CA PRO A 12 7.85 2.32 -5.29
C PRO A 12 9.00 2.97 -4.54
N GLN A 13 8.93 2.91 -3.21
CA GLN A 13 9.97 3.49 -2.36
C GLN A 13 10.53 2.45 -1.39
N HIS A 14 9.63 1.68 -0.79
CA HIS A 14 10.03 0.65 0.16
C HIS A 14 10.05 -0.72 -0.50
N HIS A 15 9.29 -0.86 -1.59
CA HIS A 15 9.22 -2.13 -2.31
C HIS A 15 8.65 -3.23 -1.43
N GLU A 16 7.80 -2.84 -0.49
CA GLU A 16 7.19 -3.80 0.43
C GLU A 16 5.75 -4.12 0.00
N ALA A 17 5.21 -5.19 0.55
CA ALA A 17 3.85 -5.61 0.22
C ALA A 17 2.87 -4.45 0.36
N LEU A 18 2.17 -4.15 -0.73
CA LEU A 18 1.20 -3.06 -0.74
C LEU A 18 -0.17 -3.54 -0.25
N SER A 19 -0.46 -3.27 1.01
CA SER A 19 -1.73 -3.68 1.60
C SER A 19 -2.45 -2.50 2.24
N LEU A 20 -2.12 -1.30 1.76
CA LEU A 20 -2.72 -0.08 2.30
C LEU A 20 -2.83 0.99 1.22
N PHE A 21 -3.80 1.89 1.38
CA PHE A 21 -4.01 2.97 0.42
C PHE A 21 -4.43 4.25 1.13
N CYS A 22 -3.86 5.37 0.70
CA CYS A 22 -4.17 6.67 1.29
C CYS A 22 -5.18 7.43 0.42
N TYR A 23 -6.13 8.09 1.08
CA TYR A 23 -7.16 8.84 0.38
C TYR A 23 -6.65 10.23 -0.01
N GLU A 24 -6.27 11.01 1.01
CA GLU A 24 -5.75 12.36 0.79
C GLU A 24 -4.77 12.38 -0.38
N ASP A 25 -3.88 11.39 -0.43
CA ASP A 25 -2.89 11.30 -1.48
C ASP A 25 -3.43 10.48 -2.66
N GLN A 26 -4.54 9.79 -2.43
CA GLN A 26 -5.16 8.98 -3.48
C GLN A 26 -4.12 8.06 -4.12
N GLU A 27 -3.25 7.49 -3.30
CA GLU A 27 -2.21 6.58 -3.79
C GLU A 27 -2.06 5.38 -2.87
N ALA A 28 -1.44 4.32 -3.38
CA ALA A 28 -1.23 3.11 -2.60
C ALA A 28 0.04 3.19 -1.77
N VAL A 29 -0.03 2.76 -0.51
CA VAL A 29 1.11 2.79 0.37
C VAL A 29 1.34 1.44 1.03
N CYS A 30 2.46 1.30 1.73
CA CYS A 30 2.80 0.05 2.40
C CYS A 30 2.67 0.19 3.91
N LEU A 31 2.91 -0.90 4.63
CA LEU A 31 2.82 -0.90 6.09
C LEU A 31 3.78 0.13 6.68
N ILE A 32 4.95 0.28 6.07
CA ILE A 32 5.95 1.22 6.53
C ILE A 32 5.47 2.66 6.37
N CYS A 33 4.95 2.97 5.18
CA CYS A 33 4.45 4.31 4.89
C CYS A 33 3.47 4.76 5.96
N ALA A 34 2.42 3.96 6.17
CA ALA A 34 1.40 4.29 7.16
C ALA A 34 2.04 4.77 8.46
N ILE A 35 2.76 3.88 9.13
CA ILE A 35 3.42 4.21 10.39
C ILE A 35 4.45 5.31 10.19
N SER A 36 4.98 5.41 8.97
CA SER A 36 5.98 6.42 8.65
C SER A 36 5.37 7.82 8.68
N HIS A 37 6.07 8.75 9.30
CA HIS A 37 5.60 10.14 9.39
C HIS A 37 4.84 10.53 8.14
N THR A 38 5.26 10.01 7.00
CA THR A 38 4.62 10.31 5.73
C THR A 38 3.11 10.25 5.84
N HIS A 39 2.58 9.05 6.11
CA HIS A 39 1.14 8.86 6.25
C HIS A 39 0.81 8.33 7.64
N ARG A 40 1.24 9.05 8.67
CA ARG A 40 0.98 8.65 10.05
C ARG A 40 -0.46 8.97 10.45
N ALA A 41 -0.81 10.25 10.40
CA ALA A 41 -2.15 10.68 10.76
C ALA A 41 -3.00 10.91 9.52
N HIS A 42 -2.87 10.02 8.54
CA HIS A 42 -3.63 10.13 7.29
C HIS A 42 -4.69 9.05 7.22
N THR A 43 -5.68 9.26 6.35
CA THR A 43 -6.77 8.30 6.17
C THR A 43 -6.34 7.13 5.29
N VAL A 44 -5.70 6.14 5.91
CA VAL A 44 -5.24 4.96 5.18
C VAL A 44 -6.19 3.79 5.38
N VAL A 45 -6.46 3.07 4.29
CA VAL A 45 -7.34 1.91 4.35
C VAL A 45 -6.66 0.67 3.78
N PRO A 46 -6.97 -0.49 4.39
CA PRO A 46 -6.41 -1.78 3.96
C PRO A 46 -6.93 -2.22 2.60
N LEU A 47 -6.03 -2.53 1.68
CA LEU A 47 -6.40 -2.97 0.35
C LEU A 47 -6.54 -4.48 0.30
N SER A 48 -7.69 -4.99 0.75
CA SER A 48 -7.94 -6.42 0.75
C SER A 48 -8.30 -6.92 -0.64
N GLY A 49 -9.43 -6.44 -1.16
CA GLY A 49 -9.88 -6.83 -2.48
C GLY A 49 -10.27 -8.30 -2.54
N PRO A 50 -9.99 -8.95 -3.67
CA PRO A 50 -10.31 -10.36 -3.88
C PRO A 50 -9.45 -11.29 -3.03
N SER A 51 -8.45 -10.71 -2.36
CA SER A 51 -7.56 -11.48 -1.52
C SER A 51 -8.35 -12.38 -0.56
N SER A 52 -9.38 -11.81 0.06
CA SER A 52 -10.21 -12.55 1.00
C SER A 52 -11.55 -11.85 1.21
N GLY A 53 -12.62 -12.64 1.30
CA GLY A 53 -13.93 -12.07 1.51
C GLY A 53 -14.37 -12.13 2.96
ZN ZN B . 5.92 2.63 1.42
ZN ZN C . -1.31 10.26 2.83
N GLY A 1 17.36 -2.30 -18.01
CA GLY A 1 15.93 -2.12 -17.85
C GLY A 1 15.14 -3.08 -18.72
N SER A 2 14.20 -2.53 -19.50
CA SER A 2 13.36 -3.33 -20.37
C SER A 2 12.62 -4.41 -19.57
N SER A 3 12.10 -4.02 -18.41
CA SER A 3 11.37 -4.94 -17.55
C SER A 3 9.97 -4.42 -17.27
N GLY A 4 8.99 -5.31 -17.35
CA GLY A 4 7.61 -4.92 -17.09
C GLY A 4 6.71 -6.12 -16.85
N SER A 5 6.96 -6.84 -15.76
CA SER A 5 6.17 -8.01 -15.41
C SER A 5 5.38 -7.77 -14.14
N SER A 6 4.26 -8.49 -13.99
CA SER A 6 3.41 -8.35 -12.81
C SER A 6 3.47 -9.62 -11.95
N GLY A 7 2.97 -9.52 -10.73
CA GLY A 7 2.96 -10.65 -9.83
C GLY A 7 2.82 -10.25 -8.38
N GLU A 8 3.54 -9.20 -7.99
CA GLU A 8 3.48 -8.70 -6.62
C GLU A 8 3.65 -7.19 -6.57
N SER A 9 2.96 -6.55 -5.63
CA SER A 9 3.03 -5.10 -5.48
C SER A 9 4.05 -4.71 -4.41
N LEU A 10 4.90 -3.74 -4.75
CA LEU A 10 5.92 -3.27 -3.82
C LEU A 10 6.13 -1.76 -3.96
N CYS A 11 6.15 -1.07 -2.83
CA CYS A 11 6.35 0.38 -2.83
C CYS A 11 7.62 0.76 -3.57
N PRO A 12 7.51 1.76 -4.45
CA PRO A 12 8.65 2.24 -5.24
C PRO A 12 9.69 2.97 -4.39
N GLN A 13 9.43 3.04 -3.09
CA GLN A 13 10.33 3.71 -2.17
C GLN A 13 10.79 2.77 -1.07
N HIS A 14 9.87 1.94 -0.59
CA HIS A 14 10.18 0.98 0.47
C HIS A 14 10.26 -0.43 -0.09
N HIS A 15 9.58 -0.67 -1.20
CA HIS A 15 9.58 -1.98 -1.83
C HIS A 15 8.91 -3.01 -0.94
N GLU A 16 7.95 -2.56 -0.14
CA GLU A 16 7.22 -3.45 0.77
C GLU A 16 5.85 -3.81 0.21
N ALA A 17 5.37 -5.00 0.55
CA ALA A 17 4.07 -5.46 0.08
C ALA A 17 3.02 -4.36 0.20
N LEU A 18 2.44 -3.99 -0.94
CA LEU A 18 1.42 -2.95 -0.96
C LEU A 18 0.05 -3.52 -0.62
N SER A 19 -0.51 -3.11 0.51
CA SER A 19 -1.82 -3.58 0.94
C SER A 19 -2.69 -2.42 1.42
N LEU A 20 -2.05 -1.43 2.02
CA LEU A 20 -2.76 -0.26 2.52
C LEU A 20 -2.95 0.78 1.43
N PHE A 21 -3.81 1.75 1.68
CA PHE A 21 -4.08 2.81 0.72
C PHE A 21 -4.28 4.16 1.42
N CYS A 22 -3.95 5.23 0.72
CA CYS A 22 -4.09 6.58 1.28
C CYS A 22 -5.14 7.38 0.52
N TYR A 23 -6.14 7.88 1.24
CA TYR A 23 -7.20 8.65 0.63
C TYR A 23 -6.71 10.04 0.22
N GLU A 24 -5.93 10.66 1.10
CA GLU A 24 -5.39 11.99 0.85
C GLU A 24 -4.59 12.00 -0.46
N ASP A 25 -3.66 11.06 -0.58
CA ASP A 25 -2.83 10.96 -1.76
C ASP A 25 -3.47 10.06 -2.81
N GLN A 26 -4.72 9.69 -2.57
CA GLN A 26 -5.46 8.83 -3.49
C GLN A 26 -4.53 7.81 -4.14
N GLU A 27 -3.50 7.40 -3.40
CA GLU A 27 -2.54 6.44 -3.91
C GLU A 27 -2.32 5.31 -2.91
N ALA A 28 -1.91 4.14 -3.41
CA ALA A 28 -1.66 2.98 -2.55
C ALA A 28 -0.42 3.20 -1.69
N VAL A 29 -0.43 2.62 -0.50
CA VAL A 29 0.69 2.75 0.43
C VAL A 29 1.04 1.40 1.05
N CYS A 30 2.27 1.29 1.56
CA CYS A 30 2.73 0.05 2.18
C CYS A 30 2.69 0.18 3.71
N LEU A 31 2.77 -0.96 4.39
CA LEU A 31 2.74 -0.98 5.85
C LEU A 31 3.71 0.05 6.42
N ILE A 32 4.84 0.22 5.76
CA ILE A 32 5.85 1.18 6.20
C ILE A 32 5.34 2.61 6.06
N CYS A 33 4.69 2.89 4.93
CA CYS A 33 4.16 4.22 4.67
C CYS A 33 3.24 4.67 5.80
N ALA A 34 2.22 3.86 6.09
CA ALA A 34 1.28 4.18 7.15
C ALA A 34 2.00 4.62 8.42
N ILE A 35 3.02 3.86 8.81
CA ILE A 35 3.80 4.18 10.00
C ILE A 35 5.12 4.87 9.64
N SER A 36 5.07 5.70 8.60
CA SER A 36 6.26 6.41 8.15
C SER A 36 5.92 7.85 7.79
N HIS A 37 6.80 8.78 8.19
CA HIS A 37 6.60 10.19 7.91
C HIS A 37 5.99 10.39 6.52
N THR A 38 6.48 9.61 5.56
CA THR A 38 5.99 9.72 4.19
C THR A 38 4.48 9.91 4.16
N HIS A 39 3.77 9.14 4.95
CA HIS A 39 2.31 9.23 5.03
C HIS A 39 1.84 9.35 6.47
N ARG A 40 2.10 10.50 7.08
CA ARG A 40 1.70 10.75 8.45
C ARG A 40 0.43 11.59 8.52
N ALA A 41 -0.26 11.55 9.65
CA ALA A 41 -1.48 12.31 9.84
C ALA A 41 -2.38 12.21 8.61
N HIS A 42 -2.33 11.07 7.93
CA HIS A 42 -3.14 10.85 6.74
C HIS A 42 -4.18 9.76 6.97
N THR A 43 -5.21 9.74 6.12
CA THR A 43 -6.27 8.75 6.24
C THR A 43 -5.92 7.47 5.49
N VAL A 44 -5.25 6.55 6.17
CA VAL A 44 -4.85 5.28 5.57
C VAL A 44 -5.90 4.21 5.82
N VAL A 45 -6.14 3.38 4.80
CA VAL A 45 -7.13 2.31 4.90
C VAL A 45 -6.67 1.07 4.14
N PRO A 46 -7.00 -0.12 4.68
CA PRO A 46 -6.63 -1.39 4.08
C PRO A 46 -7.39 -1.66 2.78
N LEU A 47 -6.68 -2.14 1.77
CA LEU A 47 -7.28 -2.44 0.48
C LEU A 47 -7.81 -3.87 0.45
N SER A 48 -8.39 -4.32 1.56
CA SER A 48 -8.94 -5.66 1.66
C SER A 48 -10.46 -5.62 1.73
N GLY A 49 -11.10 -6.64 1.16
CA GLY A 49 -12.55 -6.71 1.18
C GLY A 49 -13.08 -7.55 2.33
N PRO A 50 -14.07 -7.01 3.06
CA PRO A 50 -14.68 -7.70 4.19
C PRO A 50 -15.52 -8.89 3.76
N SER A 51 -14.91 -10.08 3.75
CA SER A 51 -15.60 -11.30 3.36
C SER A 51 -15.62 -12.30 4.49
N SER A 52 -16.77 -12.42 5.16
CA SER A 52 -16.92 -13.35 6.27
C SER A 52 -18.36 -13.81 6.39
N GLY A 53 -18.54 -15.09 6.77
CA GLY A 53 -19.88 -15.63 6.92
C GLY A 53 -20.35 -15.62 8.36
ZN ZN B . 5.72 2.79 1.16
ZN ZN C . -0.90 10.04 2.31
N GLY A 1 -3.00 -10.24 -23.00
CA GLY A 1 -1.58 -10.21 -22.67
C GLY A 1 -1.29 -10.68 -21.27
N SER A 2 -1.07 -9.74 -20.36
CA SER A 2 -0.78 -10.07 -18.97
C SER A 2 -1.89 -9.57 -18.06
N SER A 3 -2.70 -10.49 -17.56
CA SER A 3 -3.80 -10.15 -16.67
C SER A 3 -3.70 -10.91 -15.36
N GLY A 4 -3.43 -12.22 -15.45
CA GLY A 4 -3.31 -13.03 -14.27
C GLY A 4 -1.91 -13.02 -13.68
N SER A 5 -1.49 -11.86 -13.18
CA SER A 5 -0.17 -11.72 -12.59
C SER A 5 -0.05 -10.40 -11.83
N SER A 6 1.04 -10.26 -11.07
CA SER A 6 1.27 -9.05 -10.29
C SER A 6 0.30 -8.97 -9.12
N GLY A 7 0.05 -10.12 -8.49
CA GLY A 7 -0.86 -10.15 -7.36
C GLY A 7 -0.48 -9.17 -6.27
N GLU A 8 0.58 -9.48 -5.53
CA GLU A 8 1.05 -8.62 -4.45
C GLU A 8 2.07 -7.60 -4.97
N SER A 9 1.69 -6.33 -4.93
CA SER A 9 2.57 -5.26 -5.40
C SER A 9 3.66 -4.97 -4.38
N LEU A 10 4.47 -3.95 -4.66
CA LEU A 10 5.54 -3.55 -3.76
C LEU A 10 5.81 -2.06 -3.85
N CYS A 11 6.15 -1.46 -2.72
CA CYS A 11 6.44 -0.02 -2.67
C CYS A 11 7.67 0.32 -3.52
N PRO A 12 7.55 1.38 -4.33
CA PRO A 12 8.64 1.83 -5.21
C PRO A 12 9.80 2.44 -4.42
N GLN A 13 9.68 2.42 -3.10
CA GLN A 13 10.72 2.96 -2.23
C GLN A 13 11.04 2.01 -1.09
N HIS A 14 10.00 1.33 -0.59
CA HIS A 14 10.16 0.39 0.51
C HIS A 14 9.99 -1.04 0.03
N HIS A 15 9.68 -1.20 -1.25
CA HIS A 15 9.48 -2.52 -1.84
C HIS A 15 8.71 -3.43 -0.89
N GLU A 16 7.73 -2.86 -0.19
CA GLU A 16 6.92 -3.62 0.74
C GLU A 16 5.51 -3.86 0.18
N ALA A 17 5.00 -5.06 0.40
CA ALA A 17 3.67 -5.42 -0.08
C ALA A 17 2.69 -4.27 0.14
N LEU A 18 2.12 -3.77 -0.95
CA LEU A 18 1.16 -2.67 -0.88
C LEU A 18 -0.23 -3.18 -0.49
N SER A 19 -0.51 -3.16 0.80
CA SER A 19 -1.81 -3.62 1.31
C SER A 19 -2.57 -2.47 1.98
N LEU A 20 -2.30 -1.25 1.53
CA LEU A 20 -2.97 -0.08 2.09
C LEU A 20 -3.20 0.97 1.00
N PHE A 21 -4.13 1.90 1.29
CA PHE A 21 -4.44 2.95 0.33
C PHE A 21 -4.80 4.25 1.06
N CYS A 22 -4.36 5.38 0.51
CA CYS A 22 -4.64 6.67 1.11
C CYS A 22 -5.73 7.42 0.34
N TYR A 23 -6.63 8.05 1.07
CA TYR A 23 -7.73 8.79 0.46
C TYR A 23 -7.29 10.20 0.09
N GLU A 24 -6.92 10.98 1.10
CA GLU A 24 -6.48 12.35 0.88
C GLU A 24 -5.50 12.44 -0.28
N ASP A 25 -4.42 11.65 -0.21
CA ASP A 25 -3.41 11.63 -1.26
C ASP A 25 -3.93 10.91 -2.49
N GLN A 26 -4.81 9.93 -2.28
CA GLN A 26 -5.38 9.16 -3.37
C GLN A 26 -4.32 8.27 -4.01
N GLU A 27 -3.38 7.80 -3.20
CA GLU A 27 -2.31 6.94 -3.69
C GLU A 27 -2.14 5.71 -2.79
N ALA A 28 -1.67 4.61 -3.36
CA ALA A 28 -1.47 3.39 -2.62
C ALA A 28 -0.12 3.41 -1.89
N VAL A 29 -0.16 3.09 -0.59
CA VAL A 29 1.06 3.08 0.22
C VAL A 29 1.33 1.69 0.77
N CYS A 30 2.42 1.55 1.51
CA CYS A 30 2.79 0.27 2.10
C CYS A 30 2.76 0.34 3.63
N LEU A 31 3.16 -0.74 4.27
CA LEU A 31 3.18 -0.80 5.73
C LEU A 31 4.02 0.32 6.32
N ILE A 32 5.32 0.30 6.04
CA ILE A 32 6.23 1.32 6.52
C ILE A 32 5.65 2.72 6.31
N CYS A 33 5.26 3.01 5.08
CA CYS A 33 4.69 4.31 4.74
C CYS A 33 3.66 4.73 5.78
N ALA A 34 2.68 3.86 6.02
CA ALA A 34 1.63 4.15 7.00
C ALA A 34 2.21 4.65 8.31
N ILE A 35 3.13 3.87 8.88
CA ILE A 35 3.77 4.25 10.14
C ILE A 35 5.11 4.93 9.90
N SER A 36 5.16 5.76 8.86
CA SER A 36 6.39 6.46 8.51
C SER A 36 6.22 7.97 8.68
N HIS A 37 5.55 8.37 9.76
CA HIS A 37 5.31 9.77 10.05
C HIS A 37 4.97 10.53 8.77
N THR A 38 4.20 9.89 7.89
CA THR A 38 3.80 10.51 6.62
C THR A 38 2.29 10.42 6.42
N HIS A 39 1.78 9.18 6.36
CA HIS A 39 0.35 8.96 6.16
C HIS A 39 -0.30 8.50 7.46
N ARG A 40 0.10 9.10 8.57
CA ARG A 40 -0.45 8.75 9.88
C ARG A 40 -1.77 9.48 10.13
N ALA A 41 -1.79 10.77 9.84
CA ALA A 41 -2.99 11.58 10.03
C ALA A 41 -4.01 11.32 8.93
N HIS A 42 -3.52 11.18 7.70
CA HIS A 42 -4.38 10.94 6.55
C HIS A 42 -5.34 9.79 6.84
N THR A 43 -6.18 9.45 5.85
CA THR A 43 -7.14 8.38 6.00
C THR A 43 -6.70 7.14 5.22
N VAL A 44 -5.90 6.30 5.85
CA VAL A 44 -5.40 5.08 5.22
C VAL A 44 -6.40 3.94 5.40
N VAL A 45 -6.54 3.12 4.36
CA VAL A 45 -7.45 1.98 4.39
C VAL A 45 -6.77 0.72 3.90
N PRO A 46 -7.14 -0.43 4.52
CA PRO A 46 -6.57 -1.73 4.16
C PRO A 46 -7.04 -2.21 2.78
N LEU A 47 -6.10 -2.68 1.98
CA LEU A 47 -6.41 -3.17 0.64
C LEU A 47 -6.47 -4.70 0.62
N SER A 48 -6.94 -5.28 1.72
CA SER A 48 -7.05 -6.73 1.82
C SER A 48 -8.48 -7.15 2.13
N GLY A 49 -9.09 -6.49 3.11
CA GLY A 49 -10.46 -6.81 3.48
C GLY A 49 -10.85 -6.19 4.81
N PRO A 50 -11.50 -6.98 5.67
CA PRO A 50 -11.93 -6.53 7.00
C PRO A 50 -10.77 -6.27 7.95
N SER A 51 -11.00 -5.41 8.93
CA SER A 51 -9.97 -5.08 9.90
C SER A 51 -9.93 -6.11 11.04
N SER A 52 -11.09 -6.36 11.63
CA SER A 52 -11.19 -7.32 12.73
C SER A 52 -10.65 -8.69 12.29
N GLY A 53 -10.23 -9.48 13.27
CA GLY A 53 -9.71 -10.80 12.99
C GLY A 53 -8.31 -10.76 12.41
ZN ZN B . 6.32 2.58 1.41
ZN ZN C . -1.58 10.17 2.53
#